data_1FWK
#
_entry.id   1FWK
#
_cell.length_a   62.206
_cell.length_b   129.147
_cell.length_c   109.773
_cell.angle_alpha   90.00
_cell.angle_beta   105.52
_cell.angle_gamma   90.00
#
_symmetry.space_group_name_H-M   'P 1 21 1'
#
loop_
_entity.id
_entity.type
_entity.pdbx_description
1 polymer 'HOMOSERINE KINASE'
2 non-polymer "ADENOSINE-5'-DIPHOSPHATE"
3 non-polymer 'MAGNESIUM ION'
4 water water
#
_entity_poly.entity_id   1
_entity_poly.type   'polypeptide(L)'
_entity_poly.pdbx_seq_one_letter_code
;MKVRVKAPCTSANLGVGFDVFGLCLKEPYDVIEVEAIDDKEIIIEVDDKNIPTDPDKNVAGIVAKKMIDDFNIGKGVKIT
IKKGVKAGSGLGSSAASSAGTAYAINELFKLNLDKLKLVDYASYGELASSGAKHADNVAPAIFGGFTMVTNYEPLEVLHI
PIDFKLDILIAIPNISINTKEAREILPKAVGLKDLVNNVGKACGMVYALYNKDKSLFGRYMMSDKVIEPVRGKLIPNYFK
IKEEVKDKVYGITISGSGPSIIAFPKEEFIDEVENILRDYYENTIRTEVGKGVEVV
;
_entity_poly.pdbx_strand_id   A,B,C,D
#
# COMPACT_ATOMS: atom_id res chain seq x y z
N MET A 1 35.35 -1.85 3.63
CA MET A 1 34.48 -1.74 2.41
C MET A 1 33.70 -3.04 2.15
N LYS A 2 32.66 -3.28 2.93
CA LYS A 2 31.87 -4.48 2.74
C LYS A 2 30.43 -4.24 3.20
N VAL A 3 29.56 -5.17 2.82
CA VAL A 3 28.14 -5.11 3.21
C VAL A 3 27.68 -6.51 3.54
N ARG A 4 26.74 -6.62 4.47
CA ARG A 4 26.21 -7.91 4.87
C ARG A 4 24.68 -7.86 4.79
N VAL A 5 24.11 -8.87 4.15
CA VAL A 5 22.67 -8.92 3.97
C VAL A 5 21.98 -10.24 4.30
N LYS A 6 20.68 -10.14 4.58
CA LYS A 6 19.81 -11.28 4.87
C LYS A 6 18.95 -11.41 3.60
N ALA A 7 19.03 -12.56 2.92
CA ALA A 7 18.29 -12.82 1.67
C ALA A 7 17.37 -14.01 1.97
N PRO A 8 16.04 -13.75 1.99
CA PRO A 8 15.01 -14.74 2.28
C PRO A 8 14.67 -15.77 1.27
N CYS A 9 14.15 -16.88 1.78
CA CYS A 9 13.66 -17.95 0.95
C CYS A 9 12.33 -17.40 0.45
N THR A 10 11.78 -18.05 -0.57
CA THR A 10 10.53 -17.61 -1.15
C THR A 10 9.77 -18.83 -1.62
N SER A 11 8.45 -18.65 -1.76
CA SER A 11 7.58 -19.70 -2.20
C SER A 11 6.87 -19.28 -3.46
N ALA A 12 7.12 -20.00 -4.56
CA ALA A 12 6.50 -19.66 -5.82
C ALA A 12 5.35 -20.57 -6.21
N ASN A 13 4.64 -20.14 -7.25
CA ASN A 13 3.51 -20.86 -7.84
C ASN A 13 2.24 -20.69 -7.02
N LEU A 14 2.27 -21.04 -5.74
CA LEU A 14 1.08 -20.92 -4.91
C LEU A 14 -0.16 -21.49 -5.61
N GLY A 15 -0.08 -22.75 -6.04
CA GLY A 15 -1.23 -23.39 -6.64
C GLY A 15 -1.59 -22.95 -8.05
N VAL A 16 -2.55 -22.04 -8.18
CA VAL A 16 -2.93 -21.59 -9.53
C VAL A 16 -2.06 -20.49 -10.11
N GLY A 17 -1.04 -20.05 -9.39
CA GLY A 17 -0.18 -18.99 -9.92
C GLY A 17 1.12 -19.50 -10.53
N PHE A 18 1.12 -20.74 -11.02
CA PHE A 18 2.32 -21.34 -11.62
C PHE A 18 3.13 -20.40 -12.51
N ASP A 19 4.41 -20.29 -12.16
CA ASP A 19 5.37 -19.47 -12.87
C ASP A 19 5.04 -17.98 -12.85
N VAL A 20 4.06 -17.59 -12.04
CA VAL A 20 3.72 -16.16 -11.96
C VAL A 20 3.87 -15.62 -10.54
N PHE A 21 3.14 -16.23 -9.60
CA PHE A 21 3.08 -15.80 -8.22
C PHE A 21 4.33 -16.13 -7.40
N GLY A 22 4.60 -15.27 -6.41
CA GLY A 22 5.71 -15.49 -5.51
C GLY A 22 5.43 -14.81 -4.17
N LEU A 23 5.74 -15.48 -3.07
CA LEU A 23 5.52 -14.88 -1.76
C LEU A 23 6.86 -14.92 -1.01
N CYS A 24 7.26 -13.77 -0.46
CA CYS A 24 8.48 -13.71 0.27
C CYS A 24 8.26 -14.24 1.67
N LEU A 25 9.21 -15.03 2.18
CA LEU A 25 9.12 -15.56 3.53
C LEU A 25 10.08 -14.74 4.39
N LYS A 26 9.89 -14.76 5.70
CA LYS A 26 10.79 -14.03 6.57
C LYS A 26 11.97 -14.95 6.89
N GLU A 27 11.68 -16.23 7.05
CA GLU A 27 12.70 -17.26 7.32
C GLU A 27 12.31 -18.52 6.52
N PRO A 28 13.28 -19.36 6.13
CA PRO A 28 14.71 -19.21 6.39
C PRO A 28 15.25 -18.18 5.42
N TYR A 29 16.54 -17.86 5.56
CA TYR A 29 17.18 -16.89 4.69
C TYR A 29 18.67 -17.16 4.68
N ASP A 30 19.38 -16.64 3.67
CA ASP A 30 20.82 -16.76 3.57
C ASP A 30 21.40 -15.49 4.22
N VAL A 31 22.58 -15.58 4.84
CA VAL A 31 23.24 -14.38 5.37
C VAL A 31 24.43 -14.26 4.44
N ILE A 32 24.51 -13.14 3.72
CA ILE A 32 25.57 -12.99 2.74
C ILE A 32 26.40 -11.75 2.93
N GLU A 33 27.72 -11.91 2.94
CA GLU A 33 28.62 -10.77 3.09
C GLU A 33 29.44 -10.61 1.83
N VAL A 34 29.55 -9.37 1.36
CA VAL A 34 30.32 -9.08 0.17
C VAL A 34 31.34 -8.02 0.52
N GLU A 35 32.59 -8.30 0.20
CA GLU A 35 33.68 -7.39 0.50
C GLU A 35 34.42 -7.02 -0.78
N ALA A 36 34.66 -5.73 -0.97
CA ALA A 36 35.37 -5.26 -2.14
C ALA A 36 36.87 -5.50 -1.89
N ILE A 37 37.48 -6.35 -2.71
CA ILE A 37 38.90 -6.64 -2.57
C ILE A 37 39.63 -6.11 -3.79
N ASP A 38 40.92 -5.86 -3.64
CA ASP A 38 41.75 -5.30 -4.70
C ASP A 38 42.03 -6.14 -5.95
N ASP A 39 42.39 -7.41 -5.80
CA ASP A 39 42.62 -8.17 -7.03
C ASP A 39 41.27 -8.44 -7.70
N LYS A 40 41.21 -8.12 -8.99
CA LYS A 40 40.02 -8.30 -9.81
C LYS A 40 39.70 -9.78 -9.94
N GLU A 41 39.23 -10.34 -8.83
CA GLU A 41 38.91 -11.76 -8.77
C GLU A 41 37.66 -11.94 -7.91
N ILE A 42 36.97 -13.07 -8.09
CA ILE A 42 35.77 -13.33 -7.30
C ILE A 42 35.98 -14.57 -6.45
N ILE A 43 36.10 -14.35 -5.14
CA ILE A 43 36.33 -15.42 -4.19
C ILE A 43 35.03 -15.73 -3.44
N ILE A 44 34.64 -17.00 -3.43
CA ILE A 44 33.42 -17.43 -2.77
C ILE A 44 33.55 -18.54 -1.74
N GLU A 45 33.04 -18.31 -0.53
CA GLU A 45 33.05 -19.29 0.55
C GLU A 45 31.58 -19.57 0.93
N VAL A 46 31.28 -20.81 1.28
CA VAL A 46 29.91 -21.20 1.66
C VAL A 46 29.98 -22.25 2.76
N ASP A 47 28.92 -22.36 3.55
CA ASP A 47 28.91 -23.33 4.64
C ASP A 47 28.17 -24.59 4.23
N ASP A 48 27.85 -24.73 2.95
CA ASP A 48 27.17 -25.91 2.46
C ASP A 48 28.08 -26.50 1.40
N LYS A 49 28.72 -27.60 1.73
CA LYS A 49 29.66 -28.21 0.82
C LYS A 49 29.06 -28.83 -0.44
N ASN A 50 27.76 -29.10 -0.41
CA ASN A 50 27.07 -29.64 -1.58
C ASN A 50 26.86 -28.51 -2.61
N ILE A 51 27.42 -27.33 -2.31
CA ILE A 51 27.30 -26.14 -3.17
C ILE A 51 28.67 -25.64 -3.65
N PRO A 52 28.78 -25.34 -4.95
CA PRO A 52 30.01 -24.86 -5.60
C PRO A 52 30.62 -23.58 -5.05
N THR A 53 31.93 -23.48 -5.21
CA THR A 53 32.68 -22.33 -4.77
C THR A 53 33.27 -21.63 -5.99
N ASP A 54 33.24 -22.32 -7.12
CA ASP A 54 33.73 -21.81 -8.40
C ASP A 54 32.83 -20.61 -8.75
N PRO A 55 33.41 -19.41 -8.89
CA PRO A 55 32.67 -18.18 -9.21
C PRO A 55 31.82 -18.27 -10.46
N ASP A 56 32.12 -19.23 -11.34
CA ASP A 56 31.36 -19.38 -12.56
C ASP A 56 30.26 -20.41 -12.40
N LYS A 57 30.16 -20.97 -11.20
CA LYS A 57 29.14 -21.96 -10.91
C LYS A 57 28.28 -21.53 -9.73
N ASN A 58 28.86 -20.86 -8.75
CA ASN A 58 28.03 -20.43 -7.64
C ASN A 58 27.22 -19.24 -8.16
N VAL A 59 25.91 -19.35 -8.03
CA VAL A 59 24.98 -18.33 -8.50
C VAL A 59 25.38 -16.91 -8.08
N ALA A 60 25.92 -16.79 -6.86
CA ALA A 60 26.37 -15.50 -6.35
C ALA A 60 27.55 -14.96 -7.15
N GLY A 61 28.46 -15.86 -7.56
CA GLY A 61 29.62 -15.44 -8.34
C GLY A 61 29.18 -15.08 -9.73
N ILE A 62 28.18 -15.77 -10.25
CA ILE A 62 27.69 -15.45 -11.59
C ILE A 62 27.04 -14.05 -11.64
N VAL A 63 26.20 -13.72 -10.65
CA VAL A 63 25.56 -12.40 -10.61
C VAL A 63 26.63 -11.31 -10.40
N ALA A 64 27.54 -11.51 -9.46
CA ALA A 64 28.57 -10.51 -9.20
C ALA A 64 29.42 -10.18 -10.43
N LYS A 65 29.80 -11.19 -11.20
CA LYS A 65 30.62 -10.94 -12.38
C LYS A 65 29.87 -10.11 -13.39
N LYS A 66 28.64 -10.54 -13.70
CA LYS A 66 27.78 -9.87 -14.65
C LYS A 66 27.65 -8.36 -14.34
N MET A 67 27.53 -8.02 -13.06
CA MET A 67 27.35 -6.64 -12.61
C MET A 67 28.68 -5.88 -12.60
N ILE A 68 29.72 -6.53 -12.07
CA ILE A 68 31.05 -5.92 -12.02
C ILE A 68 31.42 -5.63 -13.47
N ASP A 69 31.18 -6.59 -14.36
CA ASP A 69 31.45 -6.37 -15.78
C ASP A 69 30.65 -5.17 -16.32
N ASP A 70 29.32 -5.26 -16.29
CA ASP A 70 28.49 -4.18 -16.82
C ASP A 70 28.80 -2.80 -16.28
N PHE A 71 29.15 -2.70 -15.00
CA PHE A 71 29.44 -1.40 -14.45
C PHE A 71 30.90 -1.02 -14.40
N ASN A 72 31.75 -1.89 -14.96
CA ASN A 72 33.18 -1.64 -15.02
C ASN A 72 33.72 -1.26 -13.67
N ILE A 73 33.40 -2.07 -12.69
CA ILE A 73 33.87 -1.84 -11.33
C ILE A 73 35.31 -2.37 -11.36
N GLY A 74 36.22 -1.66 -10.69
CA GLY A 74 37.59 -2.11 -10.72
C GLY A 74 37.89 -3.24 -9.77
N LYS A 75 37.28 -3.20 -8.59
CA LYS A 75 37.53 -4.18 -7.55
C LYS A 75 36.99 -5.59 -7.83
N GLY A 76 37.35 -6.51 -6.95
CA GLY A 76 36.86 -7.87 -7.05
C GLY A 76 36.07 -8.03 -5.77
N VAL A 77 35.50 -9.20 -5.50
CA VAL A 77 34.76 -9.33 -4.25
C VAL A 77 34.91 -10.68 -3.63
N LYS A 78 34.88 -10.68 -2.31
CA LYS A 78 34.93 -11.89 -1.53
C LYS A 78 33.50 -12.07 -1.06
N ILE A 79 32.89 -13.19 -1.42
CA ILE A 79 31.52 -13.41 -1.00
C ILE A 79 31.48 -14.55 -0.01
N THR A 80 30.95 -14.30 1.18
CA THR A 80 30.85 -15.33 2.20
C THR A 80 29.36 -15.62 2.34
N ILE A 81 29.00 -16.90 2.28
CA ILE A 81 27.60 -17.32 2.34
C ILE A 81 27.25 -18.34 3.42
N LYS A 82 26.25 -18.02 4.23
CA LYS A 82 25.74 -18.95 5.24
C LYS A 82 24.35 -19.27 4.73
N LYS A 83 24.15 -20.52 4.30
CA LYS A 83 22.88 -20.93 3.73
C LYS A 83 21.69 -21.10 4.66
N GLY A 84 20.52 -20.65 4.20
CA GLY A 84 19.32 -20.78 4.98
C GLY A 84 18.64 -22.14 4.81
N VAL A 85 18.63 -22.66 3.60
CA VAL A 85 18.00 -23.97 3.41
C VAL A 85 18.67 -24.62 2.23
N LYS A 86 18.53 -25.94 2.14
CA LYS A 86 19.15 -26.67 1.03
C LYS A 86 18.47 -26.34 -0.30
N ALA A 87 19.22 -26.53 -1.39
CA ALA A 87 18.68 -26.32 -2.72
C ALA A 87 17.80 -27.55 -3.00
N GLY A 88 16.92 -27.49 -3.99
CA GLY A 88 16.06 -28.64 -4.29
C GLY A 88 14.90 -28.85 -3.32
N SER A 89 14.58 -27.84 -2.51
CA SER A 89 13.47 -28.06 -1.59
C SER A 89 12.21 -27.25 -1.92
N GLY A 90 12.32 -26.42 -2.96
CA GLY A 90 11.23 -25.56 -3.42
C GLY A 90 11.05 -24.26 -2.63
N LEU A 91 12.10 -23.82 -1.95
CA LEU A 91 12.05 -22.62 -1.10
C LEU A 91 12.94 -21.52 -1.65
N GLY A 92 13.31 -21.65 -2.92
CA GLY A 92 14.12 -20.64 -3.56
C GLY A 92 15.49 -20.40 -2.94
N SER A 93 16.20 -21.48 -2.61
CA SER A 93 17.52 -21.35 -2.01
C SER A 93 18.51 -20.66 -2.95
N SER A 94 18.50 -21.07 -4.20
CA SER A 94 19.40 -20.47 -5.17
C SER A 94 19.04 -18.99 -5.36
N ALA A 95 17.74 -18.71 -5.46
CA ALA A 95 17.28 -17.34 -5.66
C ALA A 95 17.73 -16.44 -4.52
N ALA A 96 17.70 -16.98 -3.30
CA ALA A 96 18.12 -16.18 -2.14
C ALA A 96 19.56 -15.68 -2.33
N SER A 97 20.44 -16.56 -2.80
CA SER A 97 21.83 -16.15 -3.04
C SER A 97 21.93 -15.19 -4.19
N SER A 98 21.16 -15.44 -5.27
CA SER A 98 21.22 -14.56 -6.42
C SER A 98 20.69 -13.16 -6.13
N ALA A 99 19.50 -13.08 -5.54
CA ALA A 99 18.88 -11.78 -5.20
C ALA A 99 19.74 -11.05 -4.16
N GLY A 100 20.19 -11.80 -3.14
CA GLY A 100 21.02 -11.24 -2.09
C GLY A 100 22.29 -10.61 -2.67
N THR A 101 22.94 -11.32 -3.61
CA THR A 101 24.15 -10.78 -4.20
C THR A 101 23.92 -9.55 -5.04
N ALA A 102 22.88 -9.58 -5.88
CA ALA A 102 22.59 -8.42 -6.70
C ALA A 102 22.31 -7.22 -5.81
N TYR A 103 21.54 -7.44 -4.74
CA TYR A 103 21.21 -6.36 -3.81
C TYR A 103 22.48 -5.86 -3.11
N ALA A 104 23.33 -6.78 -2.63
CA ALA A 104 24.58 -6.42 -1.94
C ALA A 104 25.55 -5.66 -2.85
N ILE A 105 25.69 -6.10 -4.10
CA ILE A 105 26.57 -5.40 -5.03
C ILE A 105 26.08 -3.96 -5.20
N ASN A 106 24.77 -3.81 -5.45
CA ASN A 106 24.16 -2.51 -5.64
C ASN A 106 24.40 -1.64 -4.39
N GLU A 107 24.40 -2.20 -3.20
CA GLU A 107 24.67 -1.37 -2.00
C GLU A 107 26.16 -1.01 -1.89
N LEU A 108 27.00 -2.04 -1.92
CA LEU A 108 28.45 -1.85 -1.79
C LEU A 108 29.01 -0.84 -2.79
N PHE A 109 28.57 -0.92 -4.03
CA PHE A 109 29.09 -0.01 -5.03
C PHE A 109 28.21 1.18 -5.38
N LYS A 110 27.19 1.44 -4.58
CA LYS A 110 26.34 2.60 -4.81
C LYS A 110 25.80 2.71 -6.23
N LEU A 111 25.24 1.64 -6.77
CA LEU A 111 24.71 1.68 -8.13
C LEU A 111 23.31 2.30 -8.24
N ASN A 112 22.60 2.37 -7.12
CA ASN A 112 21.26 3.00 -7.11
C ASN A 112 20.30 2.39 -8.12
N LEU A 113 20.41 1.10 -8.36
CA LEU A 113 19.53 0.42 -9.31
C LEU A 113 18.14 0.17 -8.70
N ASP A 114 17.07 0.25 -9.49
CA ASP A 114 15.76 -0.02 -8.91
C ASP A 114 15.57 -1.51 -8.73
N LYS A 115 14.57 -1.87 -7.93
CA LYS A 115 14.32 -3.26 -7.64
C LYS A 115 14.12 -4.13 -8.85
N LEU A 116 13.40 -3.64 -9.83
CA LEU A 116 13.18 -4.44 -11.03
C LEU A 116 14.53 -4.90 -11.65
N LYS A 117 15.49 -3.98 -11.72
CA LYS A 117 16.80 -4.28 -12.32
C LYS A 117 17.59 -5.27 -11.48
N LEU A 118 17.47 -5.20 -10.14
CA LEU A 118 18.16 -6.16 -9.28
C LEU A 118 17.56 -7.55 -9.52
N VAL A 119 16.26 -7.62 -9.78
CA VAL A 119 15.61 -8.91 -10.05
C VAL A 119 16.14 -9.45 -11.41
N ASP A 120 16.29 -8.55 -12.37
CA ASP A 120 16.80 -8.92 -13.69
C ASP A 120 18.21 -9.51 -13.55
N TYR A 121 19.09 -8.82 -12.83
CA TYR A 121 20.43 -9.33 -12.61
C TYR A 121 20.40 -10.65 -11.87
N ALA A 122 19.64 -10.69 -10.77
CA ALA A 122 19.53 -11.92 -10.00
C ALA A 122 19.08 -13.05 -10.92
N SER A 123 18.32 -12.70 -11.95
CA SER A 123 17.81 -13.66 -12.93
C SER A 123 18.86 -14.41 -13.73
N TYR A 124 20.01 -13.77 -13.95
CA TYR A 124 21.08 -14.44 -14.69
C TYR A 124 21.57 -15.60 -13.87
N GLY A 125 21.61 -15.44 -12.55
CA GLY A 125 22.06 -16.53 -11.72
C GLY A 125 21.16 -17.72 -11.93
N GLU A 126 19.85 -17.48 -11.88
CA GLU A 126 18.88 -18.54 -12.08
C GLU A 126 18.98 -19.14 -13.48
N LEU A 127 19.30 -18.33 -14.48
CA LEU A 127 19.42 -18.82 -15.85
C LEU A 127 20.73 -19.53 -16.03
N ALA A 128 21.80 -18.73 -15.99
CA ALA A 128 23.16 -19.23 -16.16
C ALA A 128 23.38 -20.50 -15.34
N SER A 129 22.56 -20.72 -14.32
CA SER A 129 22.71 -21.91 -13.50
C SER A 129 21.66 -23.00 -13.70
N SER A 130 20.44 -22.64 -14.12
CA SER A 130 19.40 -23.65 -14.32
C SER A 130 18.74 -23.58 -15.70
N GLY A 131 19.44 -23.03 -16.67
CA GLY A 131 18.92 -22.97 -18.02
C GLY A 131 17.78 -22.05 -18.40
N ALA A 132 17.07 -21.50 -17.42
CA ALA A 132 15.97 -20.60 -17.70
C ALA A 132 15.97 -19.37 -16.79
N LYS A 133 15.79 -18.21 -17.40
CA LYS A 133 15.79 -16.91 -16.70
C LYS A 133 14.78 -16.66 -15.58
N HIS A 134 14.05 -17.69 -15.16
CA HIS A 134 13.04 -17.58 -14.10
C HIS A 134 13.29 -16.48 -13.06
N ALA A 135 12.24 -15.68 -12.82
CA ALA A 135 12.29 -14.60 -11.83
C ALA A 135 11.20 -14.68 -10.78
N ASP A 136 10.38 -15.72 -10.81
CA ASP A 136 9.30 -15.78 -9.83
C ASP A 136 9.71 -16.05 -8.38
N ASN A 137 10.98 -16.43 -8.16
CA ASN A 137 11.51 -16.59 -6.81
C ASN A 137 12.39 -15.37 -6.54
N VAL A 138 13.15 -14.89 -7.52
CA VAL A 138 13.98 -13.75 -7.19
C VAL A 138 13.15 -12.47 -7.03
N ALA A 139 11.99 -12.39 -7.69
CA ALA A 139 11.16 -11.20 -7.59
C ALA A 139 10.68 -11.01 -6.13
N PRO A 140 10.08 -12.03 -5.50
CA PRO A 140 9.66 -11.78 -4.13
C PRO A 140 10.88 -11.64 -3.18
N ALA A 141 12.00 -12.23 -3.54
CA ALA A 141 13.16 -12.09 -2.64
C ALA A 141 13.63 -10.63 -2.63
N ILE A 142 13.49 -9.96 -3.76
CA ILE A 142 13.94 -8.58 -3.78
C ILE A 142 12.84 -7.65 -3.28
N PHE A 143 11.60 -7.86 -3.75
CA PHE A 143 10.51 -6.94 -3.39
C PHE A 143 9.81 -7.16 -2.03
N GLY A 144 9.84 -8.38 -1.50
CA GLY A 144 9.14 -8.68 -0.25
C GLY A 144 7.66 -8.87 -0.59
N GLY A 145 6.85 -9.25 0.39
CA GLY A 145 5.44 -9.39 0.08
C GLY A 145 5.10 -10.40 -1.03
N PHE A 146 4.11 -10.02 -1.84
CA PHE A 146 3.59 -10.83 -2.94
C PHE A 146 3.95 -10.21 -4.27
N THR A 147 4.42 -11.04 -5.21
CA THR A 147 4.75 -10.55 -6.55
C THR A 147 4.16 -11.39 -7.66
N MET A 148 4.03 -10.78 -8.83
CA MET A 148 3.55 -11.44 -10.04
C MET A 148 4.51 -11.07 -11.15
N VAL A 149 5.13 -12.09 -11.72
CA VAL A 149 6.02 -11.88 -12.85
C VAL A 149 5.01 -11.98 -14.01
N THR A 150 4.76 -10.86 -14.66
CA THR A 150 3.74 -10.80 -15.70
C THR A 150 4.26 -10.66 -17.12
N ASN A 151 5.58 -10.67 -17.27
CA ASN A 151 6.24 -10.57 -18.58
C ASN A 151 7.73 -10.89 -18.40
N TYR A 152 8.33 -11.60 -19.35
CA TYR A 152 9.74 -11.96 -19.18
C TYR A 152 10.76 -11.31 -20.09
N GLU A 153 10.30 -10.58 -21.10
CA GLU A 153 11.24 -9.96 -22.00
C GLU A 153 10.52 -8.85 -22.74
N PRO A 154 10.60 -7.62 -22.22
CA PRO A 154 11.32 -7.26 -21.00
C PRO A 154 10.69 -7.84 -19.73
N LEU A 155 11.50 -7.94 -18.67
CA LEU A 155 11.00 -8.44 -17.40
C LEU A 155 10.00 -7.45 -16.79
N GLU A 156 8.87 -7.92 -16.28
CA GLU A 156 7.92 -7.03 -15.60
C GLU A 156 7.48 -7.75 -14.34
N VAL A 157 7.49 -7.00 -13.25
CA VAL A 157 7.10 -7.53 -11.95
C VAL A 157 6.10 -6.59 -11.27
N LEU A 158 5.00 -7.15 -10.78
CA LEU A 158 3.99 -6.34 -10.10
C LEU A 158 4.04 -6.79 -8.66
N HIS A 159 4.15 -5.82 -7.76
CA HIS A 159 4.28 -6.07 -6.34
C HIS A 159 3.04 -5.65 -5.58
N ILE A 160 2.62 -6.51 -4.65
CA ILE A 160 1.46 -6.22 -3.80
C ILE A 160 2.00 -6.41 -2.37
N PRO A 161 2.19 -5.30 -1.62
CA PRO A 161 2.69 -5.44 -0.25
C PRO A 161 1.64 -6.13 0.58
N ILE A 162 2.06 -6.91 1.57
CA ILE A 162 1.11 -7.59 2.45
C ILE A 162 1.27 -6.85 3.80
N ASP A 163 0.31 -6.02 4.17
CA ASP A 163 0.45 -5.28 5.42
C ASP A 163 -0.34 -5.86 6.57
N PHE A 164 -1.11 -6.91 6.29
CA PHE A 164 -1.88 -7.60 7.32
C PHE A 164 -1.12 -8.83 7.81
N LYS A 165 -1.63 -9.44 8.86
CA LYS A 165 -1.00 -10.61 9.47
C LYS A 165 -1.22 -11.87 8.63
N LEU A 166 -0.13 -12.54 8.28
CA LEU A 166 -0.28 -13.78 7.52
C LEU A 166 0.71 -14.82 8.04
N ASP A 167 0.25 -15.68 8.95
CA ASP A 167 1.12 -16.71 9.50
C ASP A 167 1.39 -17.81 8.46
N ILE A 168 2.64 -18.23 8.36
CA ILE A 168 3.03 -19.27 7.42
C ILE A 168 3.72 -20.42 8.14
N LEU A 169 3.42 -21.64 7.72
CA LEU A 169 4.02 -22.86 8.27
C LEU A 169 4.63 -23.60 7.05
N ILE A 170 5.91 -23.93 7.13
CA ILE A 170 6.64 -24.60 6.07
C ILE A 170 7.14 -25.97 6.55
N ALA A 171 6.79 -27.03 5.82
CA ALA A 171 7.24 -28.40 6.14
C ALA A 171 8.26 -28.77 5.05
N ILE A 172 9.48 -29.08 5.46
CA ILE A 172 10.57 -29.40 4.57
C ILE A 172 10.99 -30.87 4.65
N PRO A 173 10.47 -31.70 3.72
CA PRO A 173 10.79 -33.12 3.67
C PRO A 173 12.29 -33.30 3.40
N ASN A 174 12.80 -34.48 3.74
CA ASN A 174 14.21 -34.76 3.50
C ASN A 174 14.34 -35.39 2.11
N ILE A 175 13.82 -34.73 1.09
CA ILE A 175 13.87 -35.24 -0.27
C ILE A 175 14.20 -34.05 -1.11
N SER A 176 14.63 -34.26 -2.34
CA SER A 176 14.91 -33.12 -3.17
C SER A 176 14.36 -33.29 -4.57
N ILE A 177 14.12 -32.16 -5.23
CA ILE A 177 13.61 -32.12 -6.60
C ILE A 177 14.43 -31.06 -7.32
N ASN A 178 15.24 -31.46 -8.29
CA ASN A 178 16.01 -30.45 -8.98
C ASN A 178 15.21 -29.92 -10.17
N THR A 179 15.80 -28.98 -10.90
CA THR A 179 15.14 -28.32 -12.03
C THR A 179 14.77 -29.25 -13.17
N LYS A 180 15.56 -30.29 -13.42
CA LYS A 180 15.23 -31.26 -14.49
C LYS A 180 14.06 -32.10 -13.95
N GLU A 181 14.13 -32.49 -12.68
CA GLU A 181 13.04 -33.25 -12.08
C GLU A 181 11.73 -32.43 -12.12
N ALA A 182 11.84 -31.15 -11.75
CA ALA A 182 10.68 -30.26 -11.73
C ALA A 182 9.98 -30.23 -13.11
N ARG A 183 10.77 -30.13 -14.17
CA ARG A 183 10.23 -30.11 -15.53
C ARG A 183 9.52 -31.43 -15.93
N GLU A 184 10.11 -32.55 -15.51
CA GLU A 184 9.59 -33.88 -15.82
C GLU A 184 8.12 -34.09 -15.47
N ILE A 185 7.68 -33.56 -14.34
CA ILE A 185 6.28 -33.74 -13.93
C ILE A 185 5.26 -32.89 -14.69
N LEU A 186 5.73 -31.80 -15.30
CA LEU A 186 4.89 -30.84 -16.05
C LEU A 186 4.14 -31.38 -17.26
N PRO A 187 2.82 -31.13 -17.31
CA PRO A 187 1.99 -31.58 -18.43
C PRO A 187 2.42 -30.94 -19.72
N LYS A 188 2.22 -31.67 -20.80
CA LYS A 188 2.57 -31.23 -22.13
C LYS A 188 1.61 -30.14 -22.55
N ALA A 189 0.35 -30.33 -22.26
CA ALA A 189 -0.66 -29.36 -22.64
C ALA A 189 -1.72 -29.21 -21.57
N VAL A 190 -2.49 -28.14 -21.67
CA VAL A 190 -3.53 -27.87 -20.69
C VAL A 190 -4.83 -27.71 -21.43
N GLY A 191 -5.92 -28.22 -20.87
CA GLY A 191 -7.21 -28.08 -21.52
C GLY A 191 -7.67 -26.65 -21.41
N LEU A 192 -8.59 -26.23 -22.28
CA LEU A 192 -9.08 -24.86 -22.23
C LEU A 192 -9.77 -24.57 -20.91
N LYS A 193 -10.55 -25.54 -20.42
CA LYS A 193 -11.28 -25.35 -19.17
C LYS A 193 -10.37 -25.11 -17.96
N ASP A 194 -9.19 -25.74 -17.95
CA ASP A 194 -8.27 -25.57 -16.84
C ASP A 194 -7.69 -24.17 -16.92
N LEU A 195 -7.39 -23.74 -18.13
CA LEU A 195 -6.87 -22.40 -18.33
C LEU A 195 -7.87 -21.40 -17.71
N VAL A 196 -9.14 -21.50 -18.11
CA VAL A 196 -10.19 -20.62 -17.61
C VAL A 196 -10.29 -20.72 -16.10
N ASN A 197 -10.25 -21.94 -15.59
CA ASN A 197 -10.28 -22.15 -14.16
C ASN A 197 -9.12 -21.44 -13.41
N ASN A 198 -7.88 -21.65 -13.87
CA ASN A 198 -6.73 -21.05 -13.21
C ASN A 198 -6.70 -19.52 -13.33
N VAL A 199 -7.09 -18.99 -14.50
CA VAL A 199 -7.14 -17.55 -14.68
C VAL A 199 -8.13 -16.97 -13.65
N GLY A 200 -9.31 -17.56 -13.55
CA GLY A 200 -10.30 -17.06 -12.61
C GLY A 200 -9.86 -17.09 -11.18
N LYS A 201 -9.35 -18.25 -10.75
CA LYS A 201 -8.90 -18.41 -9.37
C LYS A 201 -7.67 -17.58 -9.04
N ALA A 202 -6.72 -17.46 -9.97
CA ALA A 202 -5.53 -16.65 -9.71
C ALA A 202 -5.96 -15.19 -9.58
N CYS A 203 -6.87 -14.74 -10.46
CA CYS A 203 -7.41 -13.37 -10.40
C CYS A 203 -8.17 -13.15 -9.08
N GLY A 204 -8.85 -14.19 -8.59
CA GLY A 204 -9.56 -14.06 -7.33
C GLY A 204 -8.57 -13.90 -6.17
N MET A 205 -7.41 -14.55 -6.29
CA MET A 205 -6.41 -14.45 -5.23
C MET A 205 -5.88 -13.00 -5.15
N VAL A 206 -5.74 -12.37 -6.30
CA VAL A 206 -5.27 -10.98 -6.32
C VAL A 206 -6.36 -10.09 -5.66
N TYR A 207 -7.62 -10.32 -6.04
CA TYR A 207 -8.75 -9.60 -5.49
C TYR A 207 -8.74 -9.82 -3.97
N ALA A 208 -8.53 -11.07 -3.57
CA ALA A 208 -8.50 -11.39 -2.14
C ALA A 208 -7.45 -10.61 -1.38
N LEU A 209 -6.26 -10.43 -1.96
CA LEU A 209 -5.21 -9.71 -1.25
C LEU A 209 -5.59 -8.25 -1.04
N TYR A 210 -6.18 -7.61 -2.06
CA TYR A 210 -6.61 -6.23 -1.93
C TYR A 210 -7.77 -6.08 -0.95
N ASN A 211 -8.50 -7.17 -0.73
CA ASN A 211 -9.63 -7.18 0.20
C ASN A 211 -9.25 -7.84 1.52
N LYS A 212 -7.97 -8.14 1.69
CA LYS A 212 -7.48 -8.78 2.91
C LYS A 212 -8.35 -9.95 3.34
N ASP A 213 -8.79 -10.73 2.35
CA ASP A 213 -9.62 -11.89 2.61
C ASP A 213 -8.79 -13.19 2.52
N LYS A 214 -8.17 -13.57 3.64
CA LYS A 214 -7.36 -14.78 3.70
C LYS A 214 -8.10 -16.07 3.36
N SER A 215 -9.39 -16.16 3.67
CA SER A 215 -10.13 -17.37 3.38
C SER A 215 -10.26 -17.53 1.89
N LEU A 216 -10.56 -16.43 1.21
CA LEU A 216 -10.74 -16.48 -0.23
C LEU A 216 -9.39 -16.77 -0.89
N PHE A 217 -8.34 -16.12 -0.41
CA PHE A 217 -7.01 -16.32 -0.96
C PHE A 217 -6.57 -17.80 -0.86
N GLY A 218 -6.71 -18.38 0.34
CA GLY A 218 -6.32 -19.76 0.54
C GLY A 218 -7.17 -20.73 -0.24
N ARG A 219 -8.48 -20.50 -0.26
CA ARG A 219 -9.34 -21.41 -0.99
C ARG A 219 -9.05 -21.48 -2.48
N TYR A 220 -8.90 -20.33 -3.13
CA TYR A 220 -8.64 -20.35 -4.55
C TYR A 220 -7.26 -20.92 -4.81
N MET A 221 -6.33 -20.69 -3.91
CA MET A 221 -4.99 -21.22 -4.05
C MET A 221 -4.99 -22.75 -4.21
N MET A 222 -5.94 -23.41 -3.56
CA MET A 222 -6.03 -24.88 -3.59
C MET A 222 -6.80 -25.47 -4.76
N SER A 223 -7.15 -24.63 -5.73
CA SER A 223 -7.94 -25.04 -6.89
C SER A 223 -7.28 -25.62 -8.11
N ASP A 224 -5.96 -25.68 -8.15
CA ASP A 224 -5.29 -26.18 -9.36
C ASP A 224 -5.46 -27.68 -9.61
N LYS A 225 -5.80 -28.01 -10.87
CA LYS A 225 -5.98 -29.40 -11.30
C LYS A 225 -4.96 -29.73 -12.36
N VAL A 226 -4.20 -28.73 -12.81
CA VAL A 226 -3.21 -28.95 -13.85
C VAL A 226 -1.88 -29.52 -13.39
N ILE A 227 -1.36 -28.98 -12.30
CA ILE A 227 -0.06 -29.39 -11.83
C ILE A 227 -0.02 -29.95 -10.43
N GLU A 228 -0.70 -29.33 -9.49
CA GLU A 228 -0.67 -29.84 -8.14
C GLU A 228 -1.01 -31.34 -7.98
N PRO A 229 -2.03 -31.85 -8.69
CA PRO A 229 -2.39 -33.28 -8.57
C PRO A 229 -1.22 -34.20 -8.87
N VAL A 230 -0.47 -33.86 -9.92
CA VAL A 230 0.69 -34.65 -10.33
C VAL A 230 1.89 -34.44 -9.40
N ARG A 231 2.17 -33.18 -9.08
CA ARG A 231 3.29 -32.85 -8.21
C ARG A 231 3.12 -33.35 -6.79
N GLY A 232 1.89 -33.34 -6.29
CA GLY A 232 1.65 -33.80 -4.93
C GLY A 232 2.00 -35.28 -4.71
N LYS A 233 1.86 -36.08 -5.77
CA LYS A 233 2.18 -37.51 -5.69
C LYS A 233 3.62 -37.71 -5.27
N LEU A 234 4.47 -36.72 -5.54
CA LEU A 234 5.90 -36.81 -5.18
C LEU A 234 6.20 -36.56 -3.72
N ILE A 235 5.21 -36.14 -2.94
CA ILE A 235 5.46 -35.77 -1.55
C ILE A 235 4.78 -36.72 -0.57
N PRO A 236 5.57 -37.49 0.21
CA PRO A 236 4.99 -38.44 1.17
C PRO A 236 3.89 -37.84 2.02
N ASN A 237 2.69 -38.42 2.00
CA ASN A 237 1.61 -37.93 2.86
C ASN A 237 0.98 -36.55 2.55
N TYR A 238 1.37 -35.95 1.43
CA TYR A 238 0.83 -34.65 1.07
C TYR A 238 -0.71 -34.60 1.07
N PHE A 239 -1.37 -35.43 0.29
CA PHE A 239 -2.81 -35.36 0.25
C PHE A 239 -3.46 -35.68 1.58
N LYS A 240 -2.84 -36.60 2.31
CA LYS A 240 -3.31 -36.97 3.62
C LYS A 240 -3.19 -35.79 4.57
N ILE A 241 -2.05 -35.11 4.52
CA ILE A 241 -1.80 -33.96 5.38
C ILE A 241 -2.80 -32.85 5.09
N LYS A 242 -3.04 -32.62 3.79
CA LYS A 242 -3.96 -31.59 3.34
C LYS A 242 -5.34 -31.84 3.96
N GLU A 243 -5.78 -33.10 3.92
CA GLU A 243 -7.08 -33.48 4.47
C GLU A 243 -7.14 -33.29 5.99
N GLU A 244 -6.03 -33.61 6.66
CA GLU A 244 -5.92 -33.52 8.11
C GLU A 244 -6.01 -32.09 8.65
N VAL A 245 -5.47 -31.12 7.90
CA VAL A 245 -5.50 -29.72 8.34
C VAL A 245 -6.60 -28.94 7.63
N LYS A 246 -7.40 -29.65 6.85
CA LYS A 246 -8.50 -29.11 6.05
C LYS A 246 -9.27 -27.90 6.55
N ASP A 247 -9.81 -27.98 7.76
CA ASP A 247 -10.58 -26.85 8.28
C ASP A 247 -9.82 -25.97 9.25
N LYS A 248 -8.54 -26.24 9.40
CA LYS A 248 -7.74 -25.45 10.31
C LYS A 248 -6.81 -24.49 9.61
N VAL A 249 -6.82 -24.49 8.29
CA VAL A 249 -5.98 -23.54 7.55
C VAL A 249 -6.82 -22.80 6.53
N TYR A 250 -6.32 -21.64 6.14
CA TYR A 250 -6.98 -20.86 5.11
C TYR A 250 -6.69 -21.58 3.81
N GLY A 251 -5.49 -22.14 3.71
CA GLY A 251 -5.10 -22.88 2.53
C GLY A 251 -3.77 -23.60 2.74
N ILE A 252 -3.55 -24.61 1.92
CA ILE A 252 -2.30 -25.34 1.98
C ILE A 252 -2.01 -25.85 0.58
N THR A 253 -0.74 -25.73 0.16
CA THR A 253 -0.35 -26.21 -1.15
C THR A 253 1.15 -26.50 -1.17
N ILE A 254 1.68 -26.77 -2.35
CA ILE A 254 3.11 -27.09 -2.50
C ILE A 254 3.90 -25.80 -2.69
N SER A 255 5.09 -25.72 -2.11
CA SER A 255 5.91 -24.52 -2.28
C SER A 255 6.81 -24.71 -3.51
N GLY A 256 6.68 -23.82 -4.49
CA GLY A 256 7.48 -23.94 -5.70
C GLY A 256 7.33 -25.33 -6.33
N SER A 257 8.46 -25.89 -6.74
CA SER A 257 8.52 -27.23 -7.35
C SER A 257 8.42 -28.33 -6.29
N GLY A 258 8.39 -27.93 -5.01
CA GLY A 258 8.31 -28.90 -3.94
C GLY A 258 9.70 -29.39 -3.61
N PRO A 259 9.84 -30.37 -2.72
CA PRO A 259 8.77 -31.08 -2.02
C PRO A 259 8.23 -30.34 -0.78
N SER A 260 8.76 -29.17 -0.45
CA SER A 260 8.22 -28.48 0.72
C SER A 260 6.73 -28.10 0.55
N ILE A 261 6.03 -28.05 1.66
CA ILE A 261 4.61 -27.73 1.76
C ILE A 261 4.43 -26.37 2.47
N ILE A 262 3.61 -25.49 1.93
CA ILE A 262 3.40 -24.20 2.59
C ILE A 262 1.96 -24.13 3.07
N ALA A 263 1.77 -23.81 4.35
CA ALA A 263 0.40 -23.72 4.88
C ALA A 263 0.14 -22.37 5.51
N PHE A 264 -1.10 -21.91 5.43
CA PHE A 264 -1.48 -20.63 6.04
C PHE A 264 -2.50 -21.02 7.11
N PRO A 265 -2.04 -21.28 8.33
CA PRO A 265 -2.93 -21.67 9.42
C PRO A 265 -3.86 -20.57 9.94
N LYS A 266 -5.07 -20.97 10.30
CA LYS A 266 -6.03 -20.05 10.91
C LYS A 266 -5.43 -19.75 12.28
N GLU A 267 -5.50 -18.50 12.72
CA GLU A 267 -4.92 -18.08 14.00
C GLU A 267 -5.25 -18.93 15.22
N GLU A 268 -6.46 -19.46 15.31
CA GLU A 268 -6.84 -20.27 16.47
C GLU A 268 -6.31 -21.71 16.42
N PHE A 269 -5.71 -22.11 15.30
CA PHE A 269 -5.18 -23.47 15.17
C PHE A 269 -3.69 -23.52 14.80
N ILE A 270 -2.97 -22.42 14.93
CA ILE A 270 -1.58 -22.48 14.51
C ILE A 270 -0.73 -23.55 15.18
N ASP A 271 -0.88 -23.74 16.49
CA ASP A 271 -0.08 -24.75 17.19
C ASP A 271 -0.51 -26.14 16.79
N GLU A 272 -1.82 -26.37 16.66
CA GLU A 272 -2.26 -27.69 16.28
C GLU A 272 -1.79 -28.05 14.86
N VAL A 273 -1.84 -27.07 13.95
CA VAL A 273 -1.41 -27.31 12.57
C VAL A 273 0.10 -27.53 12.55
N GLU A 274 0.84 -26.72 13.29
CA GLU A 274 2.29 -26.90 13.32
C GLU A 274 2.68 -28.31 13.85
N ASN A 275 1.91 -28.82 14.80
CA ASN A 275 2.18 -30.13 15.37
C ASN A 275 1.85 -31.25 14.40
N ILE A 276 0.76 -31.11 13.66
CA ILE A 276 0.39 -32.13 12.68
C ILE A 276 1.48 -32.21 11.59
N LEU A 277 1.91 -31.06 11.09
CA LEU A 277 2.93 -31.07 10.07
C LEU A 277 4.14 -31.74 10.70
N ARG A 278 4.48 -31.31 11.90
CA ARG A 278 5.64 -31.84 12.60
C ARG A 278 5.60 -33.35 12.82
N ASP A 279 4.43 -33.95 12.94
CA ASP A 279 4.39 -35.37 13.12
C ASP A 279 4.82 -36.07 11.83
N TYR A 280 4.60 -35.41 10.70
CA TYR A 280 4.98 -36.00 9.42
C TYR A 280 6.37 -35.58 9.00
N TYR A 281 6.72 -34.33 9.29
CA TYR A 281 8.01 -33.80 8.91
C TYR A 281 8.67 -33.00 10.02
N GLU A 282 9.78 -33.52 10.53
CA GLU A 282 10.52 -32.87 11.61
C GLU A 282 10.92 -31.46 11.31
N ASN A 283 11.41 -31.23 10.10
CA ASN A 283 11.87 -29.90 9.74
C ASN A 283 10.70 -29.01 9.34
N THR A 284 9.96 -28.57 10.35
CA THR A 284 8.83 -27.69 10.12
C THR A 284 9.17 -26.36 10.75
N ILE A 285 8.91 -25.28 10.03
CA ILE A 285 9.20 -23.97 10.59
C ILE A 285 8.02 -23.03 10.48
N ARG A 286 7.84 -22.21 11.51
CA ARG A 286 6.77 -21.22 11.56
C ARG A 286 7.36 -19.88 11.15
N THR A 287 6.67 -19.16 10.28
CA THR A 287 7.21 -17.90 9.86
C THR A 287 6.06 -17.03 9.39
N GLU A 288 6.39 -16.00 8.61
CA GLU A 288 5.38 -15.09 8.09
C GLU A 288 5.92 -14.43 6.86
N VAL A 289 5.12 -13.56 6.26
CA VAL A 289 5.52 -12.88 5.05
C VAL A 289 6.71 -11.98 5.32
N GLY A 290 7.73 -12.06 4.47
CA GLY A 290 8.91 -11.25 4.64
C GLY A 290 8.91 -9.96 3.82
N LYS A 291 9.88 -9.10 4.11
CA LYS A 291 10.05 -7.80 3.46
C LYS A 291 11.10 -7.78 2.37
N GLY A 292 11.73 -8.93 2.11
CA GLY A 292 12.74 -8.96 1.07
C GLY A 292 14.16 -8.81 1.57
N VAL A 293 15.13 -8.86 0.67
CA VAL A 293 16.50 -8.73 1.11
C VAL A 293 16.64 -7.39 1.90
N GLU A 294 17.39 -7.43 3.00
CA GLU A 294 17.65 -6.22 3.79
C GLU A 294 19.08 -6.26 4.34
N VAL A 295 19.70 -5.10 4.48
CA VAL A 295 21.05 -4.99 5.02
C VAL A 295 21.00 -5.36 6.50
N VAL A 296 21.96 -6.16 6.99
CA VAL A 296 21.97 -6.50 8.42
C VAL A 296 23.22 -5.98 9.12
N MET B 1 -48.38 -1.92 -10.35
CA MET B 1 -47.37 -2.96 -10.46
C MET B 1 -46.68 -2.84 -11.83
N LYS B 2 -46.01 -1.71 -12.01
CA LYS B 2 -45.29 -1.43 -13.25
C LYS B 2 -43.83 -1.11 -12.95
N VAL B 3 -42.93 -1.66 -13.76
CA VAL B 3 -41.50 -1.38 -13.62
C VAL B 3 -40.82 -1.19 -14.97
N ARG B 4 -40.16 -0.05 -15.06
CA ARG B 4 -39.44 0.35 -16.25
C ARG B 4 -37.99 0.44 -15.80
N VAL B 5 -37.08 -0.17 -16.54
CA VAL B 5 -35.68 -0.14 -16.14
C VAL B 5 -34.76 -0.29 -17.36
N LYS B 6 -33.49 0.02 -17.19
CA LYS B 6 -32.51 -0.11 -18.26
C LYS B 6 -31.61 -1.32 -17.98
N ALA B 7 -31.43 -2.19 -18.96
CA ALA B 7 -30.56 -3.35 -18.81
C ALA B 7 -29.47 -3.16 -19.85
N PRO B 8 -28.29 -2.65 -19.43
CA PRO B 8 -27.12 -2.37 -20.28
C PRO B 8 -26.36 -3.49 -20.96
N CYS B 9 -25.71 -3.14 -22.06
CA CYS B 9 -24.89 -4.08 -22.79
C CYS B 9 -23.62 -4.27 -21.93
N THR B 10 -22.89 -5.33 -22.20
CA THR B 10 -21.68 -5.63 -21.46
C THR B 10 -20.69 -6.25 -22.43
N SER B 11 -19.41 -6.19 -22.06
CA SER B 11 -18.38 -6.77 -22.92
C SER B 11 -17.67 -7.84 -22.10
N ALA B 12 -17.72 -9.10 -22.57
CA ALA B 12 -17.05 -10.18 -21.86
C ALA B 12 -15.73 -10.54 -22.50
N ASN B 13 -14.90 -11.27 -21.75
CA ASN B 13 -13.58 -11.71 -22.20
C ASN B 13 -12.44 -10.69 -21.98
N LEU B 14 -12.52 -9.53 -22.62
CA LEU B 14 -11.45 -8.54 -22.47
C LEU B 14 -10.06 -9.21 -22.65
N GLY B 15 -9.86 -9.85 -23.81
CA GLY B 15 -8.59 -10.50 -24.11
C GLY B 15 -8.23 -11.70 -23.25
N VAL B 16 -7.32 -11.52 -22.29
CA VAL B 16 -6.89 -12.61 -21.44
C VAL B 16 -7.89 -13.03 -20.38
N GLY B 17 -9.00 -12.32 -20.25
CA GLY B 17 -9.99 -12.73 -19.24
C GLY B 17 -11.09 -13.64 -19.81
N PHE B 18 -10.83 -14.26 -20.96
CA PHE B 18 -11.80 -15.15 -21.60
C PHE B 18 -12.63 -15.97 -20.61
N ASP B 19 -13.95 -15.89 -20.70
CA ASP B 19 -14.89 -16.62 -19.84
C ASP B 19 -14.89 -16.30 -18.36
N VAL B 20 -14.17 -15.25 -17.97
CA VAL B 20 -14.13 -14.80 -16.58
C VAL B 20 -14.49 -13.32 -16.45
N PHE B 21 -13.79 -12.48 -17.21
CA PHE B 21 -13.95 -11.03 -17.13
C PHE B 21 -15.19 -10.49 -17.80
N GLY B 22 -15.75 -9.44 -17.20
CA GLY B 22 -16.92 -8.78 -17.77
C GLY B 22 -16.87 -7.30 -17.45
N LEU B 23 -17.18 -6.47 -18.43
CA LEU B 23 -17.19 -5.03 -18.19
C LEU B 23 -18.57 -4.45 -18.57
N CYS B 24 -19.22 -3.80 -17.62
CA CYS B 24 -20.52 -3.23 -17.87
C CYS B 24 -20.45 -1.88 -18.57
N LEU B 25 -21.20 -1.73 -19.66
CA LEU B 25 -21.21 -0.46 -20.37
C LEU B 25 -22.33 0.47 -19.89
N LYS B 26 -22.23 1.74 -20.21
CA LYS B 26 -23.29 2.66 -19.83
C LYS B 26 -24.36 2.53 -20.95
N GLU B 27 -23.90 2.46 -22.19
CA GLU B 27 -24.76 2.31 -23.34
C GLU B 27 -24.05 1.43 -24.35
N PRO B 28 -24.79 0.73 -25.22
CA PRO B 28 -26.25 0.67 -25.37
C PRO B 28 -26.94 -0.01 -24.20
N TYR B 29 -28.27 -0.02 -24.24
CA TYR B 29 -29.07 -0.68 -23.22
C TYR B 29 -30.48 -1.01 -23.67
N ASP B 30 -31.00 -2.13 -23.16
CA ASP B 30 -32.36 -2.55 -23.47
C ASP B 30 -33.19 -1.78 -22.46
N VAL B 31 -34.30 -1.19 -22.90
CA VAL B 31 -35.18 -0.50 -21.97
C VAL B 31 -36.30 -1.50 -21.77
N ILE B 32 -36.50 -1.96 -20.55
CA ILE B 32 -37.53 -2.94 -20.30
C ILE B 32 -38.55 -2.50 -19.28
N GLU B 33 -39.80 -2.82 -19.58
CA GLU B 33 -40.91 -2.50 -18.72
C GLU B 33 -41.70 -3.77 -18.49
N VAL B 34 -42.06 -3.99 -17.23
CA VAL B 34 -42.80 -5.17 -16.86
C VAL B 34 -43.90 -4.84 -15.87
N GLU B 35 -45.12 -4.72 -16.38
CA GLU B 35 -46.27 -4.41 -15.54
C GLU B 35 -46.91 -5.75 -15.16
N ALA B 36 -47.29 -5.88 -13.90
CA ALA B 36 -47.89 -7.10 -13.36
C ALA B 36 -49.40 -7.18 -13.61
N ILE B 37 -49.78 -8.12 -14.48
CA ILE B 37 -51.18 -8.34 -14.83
C ILE B 37 -51.80 -9.39 -13.91
N ASP B 38 -53.09 -9.64 -14.07
CA ASP B 38 -53.80 -10.61 -13.25
C ASP B 38 -53.78 -12.03 -13.82
N ASP B 39 -54.18 -12.19 -15.08
CA ASP B 39 -54.19 -13.51 -15.72
C ASP B 39 -52.84 -14.21 -15.60
N LYS B 40 -52.81 -15.50 -15.96
CA LYS B 40 -51.57 -16.27 -15.86
C LYS B 40 -50.79 -16.47 -17.17
N GLU B 41 -50.66 -15.41 -17.96
CA GLU B 41 -49.94 -15.47 -19.24
C GLU B 41 -48.64 -14.64 -19.25
N ILE B 42 -47.70 -15.00 -20.12
CA ILE B 42 -46.42 -14.29 -20.27
C ILE B 42 -46.46 -13.59 -21.64
N ILE B 43 -46.75 -12.30 -21.66
CA ILE B 43 -46.81 -11.59 -22.94
C ILE B 43 -45.55 -10.78 -23.25
N ILE B 44 -45.01 -11.00 -24.44
CA ILE B 44 -43.78 -10.36 -24.90
C ILE B 44 -43.89 -9.35 -26.04
N GLU B 45 -43.65 -8.08 -25.72
CA GLU B 45 -43.68 -7.00 -26.71
C GLU B 45 -42.22 -6.59 -26.99
N VAL B 46 -41.66 -7.06 -28.10
CA VAL B 46 -40.27 -6.74 -28.43
C VAL B 46 -40.12 -6.18 -29.83
N ASP B 47 -39.76 -4.91 -29.93
CA ASP B 47 -39.56 -4.31 -31.25
C ASP B 47 -38.58 -5.20 -32.00
N ASP B 48 -38.47 -5.01 -33.30
CA ASP B 48 -37.59 -5.86 -34.09
C ASP B 48 -38.19 -7.26 -33.97
N LYS B 49 -39.21 -7.55 -34.77
CA LYS B 49 -39.86 -8.87 -34.69
C LYS B 49 -38.87 -9.95 -35.11
N ASN B 50 -37.61 -9.75 -34.76
CA ASN B 50 -36.59 -10.73 -35.07
C ASN B 50 -36.32 -11.45 -33.75
N ILE B 51 -36.84 -10.87 -32.66
CA ILE B 51 -36.68 -11.43 -31.32
C ILE B 51 -37.89 -12.29 -30.95
N PRO B 52 -37.72 -13.62 -30.91
CA PRO B 52 -38.82 -14.52 -30.55
C PRO B 52 -39.71 -13.95 -29.44
N THR B 53 -41.00 -13.84 -29.74
CA THR B 53 -41.98 -13.28 -28.81
C THR B 53 -42.68 -14.36 -27.98
N ASP B 54 -42.39 -15.61 -28.28
CA ASP B 54 -42.95 -16.74 -27.56
C ASP B 54 -42.19 -16.93 -26.23
N PRO B 55 -42.85 -16.63 -25.10
CA PRO B 55 -42.35 -16.71 -23.72
C PRO B 55 -41.32 -17.78 -23.39
N ASP B 56 -41.53 -18.98 -23.92
CA ASP B 56 -40.62 -20.07 -23.65
C ASP B 56 -39.37 -19.97 -24.53
N LYS B 57 -39.48 -19.28 -25.65
CA LYS B 57 -38.38 -19.12 -26.59
C LYS B 57 -37.60 -17.84 -26.37
N ASN B 58 -38.28 -16.83 -25.83
CA ASN B 58 -37.64 -15.55 -25.55
C ASN B 58 -36.94 -15.66 -24.21
N VAL B 59 -35.77 -15.07 -24.12
CA VAL B 59 -34.95 -15.09 -22.91
C VAL B 59 -35.64 -14.47 -21.70
N ALA B 60 -36.23 -13.29 -21.87
CA ALA B 60 -36.90 -12.61 -20.78
C ALA B 60 -38.12 -13.40 -20.34
N GLY B 61 -38.65 -14.23 -21.24
CA GLY B 61 -39.80 -15.04 -20.92
C GLY B 61 -39.42 -16.19 -20.01
N ILE B 62 -38.21 -16.70 -20.23
CA ILE B 62 -37.66 -17.82 -19.46
C ILE B 62 -37.33 -17.39 -18.04
N VAL B 63 -36.61 -16.28 -17.92
CA VAL B 63 -36.25 -15.76 -16.63
C VAL B 63 -37.54 -15.46 -15.89
N ALA B 64 -38.40 -14.71 -16.57
CA ALA B 64 -39.69 -14.30 -16.04
C ALA B 64 -40.45 -15.43 -15.36
N LYS B 65 -40.63 -16.53 -16.07
CA LYS B 65 -41.36 -17.67 -15.51
C LYS B 65 -40.69 -18.23 -14.25
N LYS B 66 -39.56 -18.92 -14.43
CA LYS B 66 -38.83 -19.53 -13.34
C LYS B 66 -38.78 -18.71 -12.06
N MET B 67 -38.84 -17.39 -12.17
CA MET B 67 -38.80 -16.55 -10.98
C MET B 67 -40.17 -16.42 -10.29
N ILE B 68 -41.25 -16.43 -11.07
CA ILE B 68 -42.60 -16.32 -10.49
C ILE B 68 -42.91 -17.62 -9.77
N ASP B 69 -42.48 -18.73 -10.38
CA ASP B 69 -42.65 -20.05 -9.81
C ASP B 69 -42.09 -20.03 -8.40
N ASP B 70 -40.78 -19.86 -8.32
CA ASP B 70 -40.03 -19.82 -7.07
C ASP B 70 -40.57 -18.82 -6.04
N PHE B 71 -41.19 -17.74 -6.49
CA PHE B 71 -41.72 -16.73 -5.57
C PHE B 71 -43.25 -16.68 -5.56
N ASN B 72 -43.85 -17.61 -6.29
CA ASN B 72 -45.30 -17.78 -6.38
C ASN B 72 -46.10 -16.48 -6.46
N ILE B 73 -45.96 -15.78 -7.58
CA ILE B 73 -46.69 -14.53 -7.80
C ILE B 73 -48.04 -14.97 -8.38
N GLY B 74 -48.07 -16.20 -8.89
CA GLY B 74 -49.27 -16.78 -9.47
C GLY B 74 -49.88 -15.90 -10.54
N LYS B 75 -49.10 -14.95 -11.03
CA LYS B 75 -49.57 -14.04 -12.07
C LYS B 75 -48.80 -14.30 -13.35
N GLY B 76 -49.28 -13.67 -14.41
CA GLY B 76 -48.62 -13.79 -15.69
C GLY B 76 -47.93 -12.45 -15.84
N VAL B 77 -47.19 -12.25 -16.92
CA VAL B 77 -46.51 -10.98 -17.09
C VAL B 77 -46.41 -10.49 -18.53
N LYS B 78 -46.46 -9.17 -18.69
CA LYS B 78 -46.32 -8.54 -19.99
C LYS B 78 -44.98 -7.80 -20.00
N ILE B 79 -44.18 -8.03 -21.04
CA ILE B 79 -42.85 -7.44 -21.15
C ILE B 79 -42.64 -6.48 -22.33
N THR B 80 -42.40 -5.21 -22.01
CA THR B 80 -42.15 -4.19 -23.03
C THR B 80 -40.63 -4.15 -23.26
N ILE B 81 -40.18 -4.60 -24.43
CA ILE B 81 -38.77 -4.64 -24.74
C ILE B 81 -38.27 -3.76 -25.88
N LYS B 82 -37.47 -2.76 -25.54
CA LYS B 82 -36.87 -1.85 -26.52
C LYS B 82 -35.41 -2.31 -26.63
N LYS B 83 -35.08 -3.02 -27.70
CA LYS B 83 -33.72 -3.53 -27.90
C LYS B 83 -32.64 -2.46 -28.08
N GLY B 84 -31.62 -2.52 -27.23
CA GLY B 84 -30.52 -1.58 -27.29
C GLY B 84 -29.59 -1.92 -28.45
N VAL B 85 -29.41 -3.20 -28.73
CA VAL B 85 -28.55 -3.58 -29.84
C VAL B 85 -28.82 -4.97 -30.39
N LYS B 86 -28.35 -5.18 -31.61
CA LYS B 86 -28.51 -6.44 -32.34
C LYS B 86 -27.78 -7.62 -31.68
N ALA B 87 -28.43 -8.77 -31.65
CA ALA B 87 -27.83 -9.97 -31.08
C ALA B 87 -26.78 -10.49 -32.06
N GLY B 88 -25.82 -11.27 -31.55
CA GLY B 88 -24.78 -11.81 -32.43
C GLY B 88 -23.72 -10.80 -32.83
N SER B 89 -23.53 -9.79 -31.98
CA SER B 89 -22.52 -8.76 -32.25
C SER B 89 -21.46 -8.71 -31.12
N GLY B 90 -21.73 -9.42 -30.04
CA GLY B 90 -20.80 -9.49 -28.92
C GLY B 90 -20.98 -8.50 -27.79
N LEU B 91 -22.18 -7.93 -27.66
CA LEU B 91 -22.44 -6.94 -26.63
C LEU B 91 -23.41 -7.37 -25.56
N GLY B 92 -23.54 -8.67 -25.36
CA GLY B 92 -24.46 -9.17 -24.33
C GLY B 92 -25.90 -8.71 -24.53
N SER B 93 -26.36 -8.75 -25.79
CA SER B 93 -27.72 -8.34 -26.14
C SER B 93 -28.75 -9.14 -25.32
N SER B 94 -28.64 -10.46 -25.41
CA SER B 94 -29.51 -11.36 -24.67
C SER B 94 -29.35 -11.16 -23.17
N ALA B 95 -28.11 -11.18 -22.70
CA ALA B 95 -27.83 -11.03 -21.28
C ALA B 95 -28.55 -9.79 -20.73
N ALA B 96 -28.62 -8.75 -21.55
CA ALA B 96 -29.28 -7.52 -21.15
C ALA B 96 -30.74 -7.80 -20.77
N SER B 97 -31.40 -8.61 -21.58
CA SER B 97 -32.80 -8.94 -21.29
C SER B 97 -32.93 -9.75 -20.01
N SER B 98 -32.21 -10.87 -19.93
CA SER B 98 -32.26 -11.72 -18.75
C SER B 98 -32.10 -10.90 -17.47
N ALA B 99 -30.93 -10.28 -17.32
CA ALA B 99 -30.62 -9.49 -16.14
C ALA B 99 -31.62 -8.35 -15.97
N GLY B 100 -32.07 -7.78 -17.08
CA GLY B 100 -33.03 -6.72 -16.98
C GLY B 100 -34.29 -7.31 -16.40
N THR B 101 -34.74 -8.42 -16.99
CA THR B 101 -35.94 -9.12 -16.55
C THR B 101 -35.88 -9.41 -15.05
N ALA B 102 -34.89 -10.19 -14.63
CA ALA B 102 -34.73 -10.56 -13.22
C ALA B 102 -34.66 -9.36 -12.26
N TYR B 103 -33.91 -8.33 -12.62
CA TYR B 103 -33.80 -7.16 -11.75
C TYR B 103 -35.16 -6.48 -11.56
N ALA B 104 -35.98 -6.51 -12.61
CA ALA B 104 -37.31 -5.90 -12.60
C ALA B 104 -38.13 -6.50 -11.46
N ILE B 105 -38.45 -7.77 -11.63
CA ILE B 105 -39.20 -8.54 -10.66
C ILE B 105 -38.81 -8.16 -9.24
N ASN B 106 -37.57 -8.46 -8.88
CA ASN B 106 -37.04 -8.18 -7.56
C ASN B 106 -37.29 -6.76 -7.04
N GLU B 107 -37.09 -5.76 -7.89
CA GLU B 107 -37.29 -4.37 -7.52
C GLU B 107 -38.75 -4.13 -7.22
N LEU B 108 -39.58 -4.63 -8.12
CA LEU B 108 -41.03 -4.49 -8.05
C LEU B 108 -41.79 -4.91 -6.80
N PHE B 109 -41.75 -6.21 -6.50
CA PHE B 109 -42.56 -6.75 -5.42
C PHE B 109 -42.00 -7.04 -4.05
N LYS B 110 -41.24 -6.10 -3.52
CA LYS B 110 -40.69 -6.22 -2.19
C LYS B 110 -39.64 -7.32 -2.04
N LEU B 111 -39.50 -8.19 -3.04
CA LEU B 111 -38.49 -9.24 -2.93
C LEU B 111 -37.17 -8.53 -2.64
N ASN B 112 -36.31 -9.17 -1.84
CA ASN B 112 -35.03 -8.55 -1.52
C ASN B 112 -33.86 -9.49 -1.80
N LEU B 113 -33.83 -9.99 -3.03
CA LEU B 113 -32.79 -10.89 -3.48
C LEU B 113 -31.40 -10.27 -3.46
N ASP B 114 -30.39 -11.07 -3.77
CA ASP B 114 -29.01 -10.60 -3.83
C ASP B 114 -28.67 -10.35 -5.28
N LYS B 115 -27.76 -9.42 -5.52
CA LYS B 115 -27.36 -9.13 -6.88
C LYS B 115 -26.84 -10.45 -7.45
N LEU B 116 -26.24 -11.25 -6.59
CA LEU B 116 -25.68 -12.53 -7.04
C LEU B 116 -26.78 -13.52 -7.43
N LYS B 117 -27.89 -13.48 -6.70
CA LYS B 117 -29.02 -14.35 -6.98
C LYS B 117 -29.61 -13.95 -8.32
N LEU B 118 -29.77 -12.64 -8.53
CA LEU B 118 -30.30 -12.11 -9.78
C LEU B 118 -29.40 -12.55 -10.91
N VAL B 119 -28.10 -12.48 -10.67
CA VAL B 119 -27.14 -12.91 -11.67
C VAL B 119 -27.40 -14.38 -11.89
N ASP B 120 -27.76 -15.07 -10.82
CA ASP B 120 -28.02 -16.49 -10.87
C ASP B 120 -29.23 -16.85 -11.76
N TYR B 121 -30.40 -16.34 -11.41
CA TYR B 121 -31.59 -16.63 -12.21
C TYR B 121 -31.35 -16.17 -13.64
N ALA B 122 -30.81 -14.96 -13.79
CA ALA B 122 -30.55 -14.39 -15.11
C ALA B 122 -29.77 -15.35 -15.98
N SER B 123 -28.83 -16.05 -15.37
CA SER B 123 -28.01 -17.03 -16.08
C SER B 123 -28.93 -18.13 -16.58
N TYR B 124 -29.95 -18.43 -15.80
CA TYR B 124 -30.95 -19.44 -16.13
C TYR B 124 -31.41 -19.13 -17.55
N GLY B 125 -31.54 -17.84 -17.84
CA GLY B 125 -31.99 -17.38 -19.15
C GLY B 125 -31.01 -17.53 -20.29
N GLU B 126 -29.72 -17.35 -20.00
CA GLU B 126 -28.69 -17.50 -21.03
C GLU B 126 -28.40 -18.98 -21.15
N LEU B 127 -28.67 -19.70 -20.06
CA LEU B 127 -28.46 -21.14 -19.96
C LEU B 127 -29.62 -21.93 -20.57
N ALA B 128 -30.84 -21.54 -20.20
CA ALA B 128 -32.04 -22.20 -20.72
C ALA B 128 -32.32 -21.74 -22.15
N SER B 129 -31.44 -20.91 -22.68
CA SER B 129 -31.58 -20.38 -24.04
C SER B 129 -30.34 -20.62 -24.92
N SER B 130 -29.27 -21.12 -24.31
CA SER B 130 -28.04 -21.38 -25.06
C SER B 130 -27.32 -22.59 -24.46
N GLY B 131 -27.88 -23.12 -23.37
CA GLY B 131 -27.30 -24.28 -22.73
C GLY B 131 -26.14 -24.02 -21.81
N ALA B 132 -25.76 -22.75 -21.68
CA ALA B 132 -24.65 -22.39 -20.82
C ALA B 132 -25.06 -21.27 -19.87
N LYS B 133 -24.54 -21.33 -18.64
CA LYS B 133 -24.85 -20.33 -17.62
C LYS B 133 -24.46 -18.93 -18.07
N HIS B 134 -23.17 -18.77 -18.38
CA HIS B 134 -22.66 -17.49 -18.82
C HIS B 134 -23.02 -16.36 -17.88
N ALA B 135 -22.44 -16.39 -16.70
CA ALA B 135 -22.70 -15.32 -15.76
C ALA B 135 -21.75 -14.17 -16.12
N ASP B 136 -20.85 -14.39 -17.08
CA ASP B 136 -19.88 -13.37 -17.43
C ASP B 136 -20.39 -12.11 -18.12
N ASN B 137 -21.58 -12.17 -18.72
CA ASN B 137 -22.22 -11.02 -19.36
C ASN B 137 -23.32 -10.57 -18.41
N VAL B 138 -23.95 -11.55 -17.78
CA VAL B 138 -25.04 -11.27 -16.86
C VAL B 138 -24.56 -10.64 -15.56
N ALA B 139 -23.44 -11.12 -15.02
CA ALA B 139 -22.87 -10.59 -13.79
C ALA B 139 -22.57 -9.08 -13.86
N PRO B 140 -21.88 -8.62 -14.93
CA PRO B 140 -21.60 -7.19 -14.98
C PRO B 140 -22.88 -6.40 -15.27
N ALA B 141 -23.78 -6.98 -16.07
CA ALA B 141 -25.04 -6.29 -16.37
C ALA B 141 -25.66 -5.92 -15.04
N ILE B 142 -25.64 -6.85 -14.08
CA ILE B 142 -26.20 -6.61 -12.74
C ILE B 142 -25.32 -5.80 -11.78
N PHE B 143 -24.06 -6.19 -11.61
CA PHE B 143 -23.17 -5.48 -10.69
C PHE B 143 -22.65 -4.15 -11.20
N GLY B 144 -22.59 -3.99 -12.51
CA GLY B 144 -21.99 -2.79 -13.06
C GLY B 144 -20.46 -2.87 -12.89
N GLY B 145 -19.72 -1.92 -13.44
CA GLY B 145 -18.27 -1.93 -13.32
C GLY B 145 -17.64 -3.16 -13.97
N PHE B 146 -16.64 -3.71 -13.29
CA PHE B 146 -15.86 -4.87 -13.76
C PHE B 146 -16.17 -6.07 -12.86
N THR B 147 -16.37 -7.24 -13.46
CA THR B 147 -16.67 -8.45 -12.69
C THR B 147 -15.86 -9.65 -13.17
N MET B 148 -15.70 -10.64 -12.31
CA MET B 148 -14.97 -11.83 -12.62
C MET B 148 -15.77 -13.02 -12.13
N VAL B 149 -16.18 -13.91 -13.05
CA VAL B 149 -16.91 -15.12 -12.64
C VAL B 149 -15.78 -16.10 -12.35
N THR B 150 -15.55 -16.35 -11.07
CA THR B 150 -14.45 -17.22 -10.63
C THR B 150 -14.85 -18.63 -10.28
N ASN B 151 -16.12 -18.96 -10.42
CA ASN B 151 -16.60 -20.30 -10.11
C ASN B 151 -18.08 -20.49 -10.48
N TYR B 152 -18.37 -21.67 -11.03
CA TYR B 152 -19.71 -22.08 -11.38
C TYR B 152 -19.82 -23.39 -10.62
N GLU B 153 -21.02 -23.91 -10.48
CA GLU B 153 -21.17 -25.21 -9.83
C GLU B 153 -20.55 -25.25 -8.43
N PRO B 154 -20.85 -24.27 -7.54
CA PRO B 154 -21.66 -23.05 -7.44
C PRO B 154 -21.11 -21.82 -8.16
N LEU B 155 -21.95 -20.80 -8.25
CA LEU B 155 -21.61 -19.55 -8.89
C LEU B 155 -21.01 -18.53 -7.91
N GLU B 156 -19.87 -17.96 -8.29
CA GLU B 156 -19.17 -16.95 -7.51
C GLU B 156 -18.81 -15.77 -8.43
N VAL B 157 -19.02 -14.56 -7.93
CA VAL B 157 -18.73 -13.37 -8.72
C VAL B 157 -17.99 -12.36 -7.86
N LEU B 158 -16.88 -11.86 -8.38
CA LEU B 158 -16.10 -10.87 -7.66
C LEU B 158 -16.28 -9.59 -8.43
N HIS B 159 -16.63 -8.53 -7.71
CA HIS B 159 -16.89 -7.22 -8.29
C HIS B 159 -15.87 -6.16 -7.90
N ILE B 160 -15.43 -5.40 -8.90
CA ILE B 160 -14.48 -4.32 -8.69
C ILE B 160 -15.07 -3.04 -9.34
N PRO B 161 -15.57 -2.12 -8.52
CA PRO B 161 -16.14 -0.86 -9.01
C PRO B 161 -15.09 -0.02 -9.76
N ILE B 162 -15.47 0.54 -10.92
CA ILE B 162 -14.55 1.41 -11.64
C ILE B 162 -15.00 2.82 -11.22
N ASP B 163 -14.23 3.41 -10.32
CA ASP B 163 -14.54 4.73 -9.76
C ASP B 163 -13.93 5.89 -10.54
N PHE B 164 -13.09 5.58 -11.51
CA PHE B 164 -12.43 6.59 -12.31
C PHE B 164 -13.06 6.61 -13.70
N LYS B 165 -12.79 7.67 -14.46
CA LYS B 165 -13.35 7.77 -15.80
C LYS B 165 -12.63 6.84 -16.78
N LEU B 166 -13.41 6.02 -17.47
CA LEU B 166 -12.85 5.11 -18.43
C LEU B 166 -13.67 5.29 -19.71
N ASP B 167 -13.13 6.05 -20.67
CA ASP B 167 -13.84 6.27 -21.93
C ASP B 167 -13.82 4.98 -22.74
N ILE B 168 -14.93 4.69 -23.38
CA ILE B 168 -15.10 3.48 -24.17
C ILE B 168 -15.70 3.78 -25.53
N LEU B 169 -15.11 3.20 -26.57
CA LEU B 169 -15.59 3.36 -27.92
C LEU B 169 -15.93 1.93 -28.37
N ILE B 170 -17.08 1.78 -28.98
CA ILE B 170 -17.54 0.49 -29.47
C ILE B 170 -17.80 0.61 -30.96
N ALA B 171 -17.34 -0.37 -31.72
CA ALA B 171 -17.61 -0.36 -33.15
C ALA B 171 -18.37 -1.67 -33.36
N ILE B 172 -19.41 -1.59 -34.19
CA ILE B 172 -20.26 -2.74 -34.49
C ILE B 172 -20.29 -3.00 -35.98
N PRO B 173 -19.49 -3.96 -36.45
CA PRO B 173 -19.45 -4.29 -37.88
C PRO B 173 -20.83 -4.77 -38.37
N ASN B 174 -21.21 -4.42 -39.61
CA ASN B 174 -22.51 -4.87 -40.15
C ASN B 174 -22.33 -6.27 -40.70
N ILE B 175 -21.85 -7.12 -39.81
CA ILE B 175 -21.53 -8.50 -40.13
C ILE B 175 -22.05 -9.28 -38.94
N SER B 176 -22.21 -10.58 -39.12
CA SER B 176 -22.70 -11.44 -38.08
C SER B 176 -21.73 -12.60 -37.89
N ILE B 177 -21.51 -13.03 -36.65
CA ILE B 177 -20.63 -14.15 -36.38
C ILE B 177 -21.36 -15.17 -35.54
N ASN B 178 -21.39 -16.40 -36.02
CA ASN B 178 -22.04 -17.48 -35.32
C ASN B 178 -21.26 -17.75 -34.05
N THR B 179 -21.83 -17.39 -32.91
CA THR B 179 -21.15 -17.59 -31.63
C THR B 179 -20.61 -19.02 -31.53
N LYS B 180 -21.40 -19.97 -32.00
CA LYS B 180 -21.03 -21.38 -31.94
C LYS B 180 -19.91 -21.80 -32.91
N GLU B 181 -20.07 -21.54 -34.21
CA GLU B 181 -19.03 -21.94 -35.18
C GLU B 181 -17.64 -21.59 -34.68
N ALA B 182 -17.54 -20.44 -34.04
CA ALA B 182 -16.28 -19.94 -33.49
C ALA B 182 -16.04 -20.50 -32.09
N ARG B 183 -16.21 -21.82 -31.96
CA ARG B 183 -16.00 -22.51 -30.71
C ARG B 183 -15.05 -23.62 -31.05
N GLU B 184 -15.31 -24.21 -32.21
CA GLU B 184 -14.51 -25.32 -32.69
C GLU B 184 -13.10 -24.90 -33.07
N ILE B 185 -12.93 -23.66 -33.53
CA ILE B 185 -11.59 -23.22 -33.86
C ILE B 185 -10.91 -22.99 -32.53
N LEU B 186 -11.72 -22.59 -31.55
CA LEU B 186 -11.22 -22.36 -30.21
C LEU B 186 -10.57 -23.67 -29.78
N PRO B 187 -9.22 -23.67 -29.64
CA PRO B 187 -8.47 -24.87 -29.25
C PRO B 187 -9.11 -25.63 -28.10
N LYS B 188 -8.88 -26.93 -28.03
CA LYS B 188 -9.40 -27.72 -26.94
C LYS B 188 -8.28 -27.86 -25.92
N ALA B 189 -7.06 -27.59 -26.38
CA ALA B 189 -5.88 -27.67 -25.54
C ALA B 189 -4.94 -26.50 -25.81
N VAL B 190 -4.13 -26.19 -24.80
CA VAL B 190 -3.19 -25.08 -24.85
C VAL B 190 -1.83 -25.48 -24.27
N GLY B 191 -0.76 -24.79 -24.65
CA GLY B 191 0.53 -25.11 -24.10
C GLY B 191 0.73 -24.43 -22.76
N LEU B 192 1.61 -24.97 -21.91
CA LEU B 192 1.86 -24.37 -20.60
C LEU B 192 2.19 -22.90 -20.73
N LYS B 193 2.96 -22.57 -21.76
CA LYS B 193 3.35 -21.17 -22.00
C LYS B 193 2.18 -20.21 -22.02
N ASP B 194 1.04 -20.65 -22.56
CA ASP B 194 -0.13 -19.82 -22.64
C ASP B 194 -0.84 -19.71 -21.29
N LEU B 195 -0.81 -20.80 -20.52
CA LEU B 195 -1.40 -20.81 -19.19
C LEU B 195 -0.69 -19.73 -18.39
N VAL B 196 0.63 -19.80 -18.42
CA VAL B 196 1.48 -18.84 -17.72
C VAL B 196 1.22 -17.42 -18.24
N ASN B 197 1.17 -17.24 -19.56
CA ASN B 197 0.95 -15.89 -20.10
C ASN B 197 -0.39 -15.31 -19.69
N ASN B 198 -1.46 -16.05 -19.91
CA ASN B 198 -2.80 -15.55 -19.60
C ASN B 198 -3.06 -15.36 -18.12
N VAL B 199 -2.57 -16.25 -17.29
CA VAL B 199 -2.75 -16.07 -15.86
C VAL B 199 -2.03 -14.80 -15.43
N GLY B 200 -0.80 -14.59 -15.89
CA GLY B 200 -0.07 -13.40 -15.50
C GLY B 200 -0.68 -12.08 -15.94
N LYS B 201 -1.02 -12.00 -17.23
CA LYS B 201 -1.61 -10.79 -17.80
C LYS B 201 -2.99 -10.51 -17.20
N ALA B 202 -3.82 -11.53 -17.00
CA ALA B 202 -5.13 -11.28 -16.40
C ALA B 202 -4.95 -10.74 -14.95
N CYS B 203 -4.08 -11.39 -14.18
CA CYS B 203 -3.80 -10.95 -12.82
C CYS B 203 -3.29 -9.50 -12.81
N GLY B 204 -2.44 -9.18 -13.80
CA GLY B 204 -1.89 -7.85 -13.96
C GLY B 204 -3.00 -6.84 -14.22
N MET B 205 -4.08 -7.27 -14.89
CA MET B 205 -5.21 -6.38 -15.15
C MET B 205 -5.99 -6.05 -13.85
N VAL B 206 -6.11 -7.03 -12.94
CA VAL B 206 -6.80 -6.80 -11.67
C VAL B 206 -5.95 -5.77 -10.88
N TYR B 207 -4.63 -5.99 -10.90
CA TYR B 207 -3.68 -5.10 -10.25
C TYR B 207 -3.85 -3.70 -10.85
N ALA B 208 -3.96 -3.63 -12.18
CA ALA B 208 -4.10 -2.34 -12.85
C ALA B 208 -5.38 -1.62 -12.40
N LEU B 209 -6.47 -2.36 -12.27
CA LEU B 209 -7.69 -1.73 -11.83
C LEU B 209 -7.52 -1.14 -10.41
N TYR B 210 -6.94 -1.91 -9.49
CA TYR B 210 -6.71 -1.41 -8.14
C TYR B 210 -5.72 -0.24 -8.10
N ASN B 211 -4.87 -0.12 -9.12
CA ASN B 211 -3.90 0.98 -9.16
C ASN B 211 -4.32 2.06 -10.14
N LYS B 212 -5.55 1.93 -10.61
CA LYS B 212 -6.15 2.85 -11.58
C LYS B 212 -5.19 3.14 -12.71
N ASP B 213 -4.56 2.09 -13.20
CA ASP B 213 -3.61 2.22 -14.29
C ASP B 213 -4.25 1.69 -15.59
N LYS B 214 -4.85 2.59 -16.35
CA LYS B 214 -5.51 2.24 -17.62
C LYS B 214 -4.55 1.73 -18.66
N SER B 215 -3.38 2.34 -18.72
CA SER B 215 -2.36 1.94 -19.68
C SER B 215 -1.94 0.49 -19.45
N LEU B 216 -1.75 0.12 -18.18
CA LEU B 216 -1.33 -1.23 -17.85
C LEU B 216 -2.50 -2.20 -18.10
N PHE B 217 -3.73 -1.78 -17.77
CA PHE B 217 -4.93 -2.60 -17.98
C PHE B 217 -5.12 -2.90 -19.49
N GLY B 218 -5.08 -1.86 -20.29
CA GLY B 218 -5.27 -2.03 -21.73
C GLY B 218 -4.16 -2.77 -22.43
N ARG B 219 -2.92 -2.59 -21.99
CA ARG B 219 -1.83 -3.30 -22.66
C ARG B 219 -1.91 -4.82 -22.36
N TYR B 220 -2.16 -5.19 -21.11
CA TYR B 220 -2.23 -6.61 -20.80
C TYR B 220 -3.49 -7.26 -21.47
N MET B 221 -4.55 -6.48 -21.57
CA MET B 221 -5.78 -6.96 -22.20
C MET B 221 -5.53 -7.48 -23.63
N MET B 222 -4.61 -6.84 -24.34
CA MET B 222 -4.29 -7.19 -25.71
C MET B 222 -3.25 -8.31 -25.87
N SER B 223 -2.88 -8.96 -24.78
CA SER B 223 -1.84 -10.00 -24.78
C SER B 223 -2.25 -11.46 -24.99
N ASP B 224 -3.49 -11.72 -25.35
CA ASP B 224 -3.90 -13.09 -25.54
C ASP B 224 -3.43 -13.64 -26.88
N LYS B 225 -2.89 -14.86 -26.86
CA LYS B 225 -2.39 -15.50 -28.07
C LYS B 225 -3.17 -16.77 -28.30
N VAL B 226 -4.09 -17.07 -27.41
CA VAL B 226 -4.88 -18.27 -27.55
C VAL B 226 -6.15 -18.07 -28.38
N ILE B 227 -7.03 -17.20 -27.91
CA ILE B 227 -8.29 -16.99 -28.59
C ILE B 227 -8.36 -15.85 -29.57
N GLU B 228 -7.92 -14.67 -29.15
CA GLU B 228 -7.96 -13.54 -30.05
C GLU B 228 -7.31 -13.74 -31.44
N PRO B 229 -6.14 -14.37 -31.51
CA PRO B 229 -5.57 -14.52 -32.87
C PRO B 229 -6.46 -15.29 -33.85
N VAL B 230 -7.29 -16.18 -33.29
CA VAL B 230 -8.18 -17.00 -34.07
C VAL B 230 -9.48 -16.25 -34.36
N ARG B 231 -10.11 -15.73 -33.30
CA ARG B 231 -11.38 -15.03 -33.47
C ARG B 231 -11.22 -13.77 -34.26
N GLY B 232 -10.05 -13.14 -34.13
CA GLY B 232 -9.81 -11.91 -34.86
C GLY B 232 -9.85 -12.05 -36.37
N LYS B 233 -9.49 -13.24 -36.87
CA LYS B 233 -9.45 -13.49 -38.31
C LYS B 233 -10.81 -13.26 -38.96
N LEU B 234 -11.87 -13.58 -38.24
CA LEU B 234 -13.24 -13.40 -38.76
C LEU B 234 -13.73 -11.94 -38.82
N ILE B 235 -13.05 -11.03 -38.13
CA ILE B 235 -13.45 -9.61 -38.09
C ILE B 235 -12.67 -8.80 -39.09
N PRO B 236 -13.37 -8.35 -40.14
CA PRO B 236 -12.73 -7.57 -41.20
C PRO B 236 -11.91 -6.40 -40.68
N ASN B 237 -10.65 -6.36 -41.10
CA ASN B 237 -9.72 -5.30 -40.74
C ASN B 237 -9.42 -5.16 -39.23
N TYR B 238 -9.87 -6.09 -38.40
CA TYR B 238 -9.62 -5.96 -36.97
C TYR B 238 -8.13 -5.78 -36.65
N PHE B 239 -7.29 -6.70 -37.14
CA PHE B 239 -5.85 -6.60 -36.89
C PHE B 239 -5.27 -5.30 -37.42
N LYS B 240 -5.77 -4.87 -38.58
CA LYS B 240 -5.27 -3.62 -39.15
C LYS B 240 -5.63 -2.41 -38.29
N ILE B 241 -6.86 -2.36 -37.77
CA ILE B 241 -7.23 -1.22 -36.93
C ILE B 241 -6.45 -1.22 -35.61
N LYS B 242 -6.26 -2.40 -35.05
CA LYS B 242 -5.52 -2.51 -33.79
C LYS B 242 -4.19 -1.78 -33.97
N GLU B 243 -3.47 -2.15 -35.00
CA GLU B 243 -2.18 -1.54 -35.26
C GLU B 243 -2.31 -0.06 -35.53
N GLU B 244 -3.32 0.33 -36.32
CA GLU B 244 -3.50 1.72 -36.68
C GLU B 244 -3.76 2.69 -35.51
N VAL B 245 -4.57 2.29 -34.54
CA VAL B 245 -4.84 3.17 -33.39
C VAL B 245 -3.88 2.88 -32.21
N LYS B 246 -2.90 2.01 -32.48
CA LYS B 246 -1.89 1.58 -31.53
C LYS B 246 -1.46 2.60 -30.47
N ASP B 247 -1.00 3.76 -30.87
CA ASP B 247 -0.57 4.74 -29.87
C ASP B 247 -1.64 5.70 -29.39
N LYS B 248 -2.86 5.52 -29.85
CA LYS B 248 -3.91 6.43 -29.47
C LYS B 248 -4.95 5.87 -28.52
N VAL B 249 -4.78 4.61 -28.15
CA VAL B 249 -5.71 3.95 -27.26
C VAL B 249 -4.91 3.27 -26.13
N TYR B 250 -5.53 3.10 -24.98
CA TYR B 250 -4.85 2.37 -23.92
C TYR B 250 -4.89 0.88 -24.36
N GLY B 251 -5.98 0.51 -25.01
CA GLY B 251 -6.13 -0.86 -25.49
C GLY B 251 -7.36 -1.06 -26.38
N ILE B 252 -7.36 -2.14 -27.17
CA ILE B 252 -8.48 -2.43 -28.02
C ILE B 252 -8.51 -3.93 -28.19
N THR B 253 -9.71 -4.51 -28.06
CA THR B 253 -9.86 -5.94 -28.18
C THR B 253 -11.28 -6.28 -28.63
N ILE B 254 -11.51 -7.57 -28.89
CA ILE B 254 -12.82 -8.03 -29.33
C ILE B 254 -13.72 -8.03 -28.14
N SER B 255 -15.00 -7.69 -28.36
CA SER B 255 -15.99 -7.70 -27.31
C SER B 255 -16.74 -9.04 -27.40
N GLY B 256 -16.78 -9.83 -26.31
CA GLY B 256 -17.46 -11.11 -26.33
C GLY B 256 -16.96 -11.98 -27.47
N SER B 257 -17.85 -12.65 -28.19
CA SER B 257 -17.36 -13.47 -29.28
C SER B 257 -17.33 -12.73 -30.59
N GLY B 258 -17.39 -11.39 -30.53
CA GLY B 258 -17.34 -10.60 -31.75
C GLY B 258 -18.67 -10.51 -32.52
N PRO B 259 -18.74 -9.78 -33.63
CA PRO B 259 -17.66 -9.02 -34.27
C PRO B 259 -17.47 -7.60 -33.66
N SER B 260 -18.24 -7.25 -32.64
CA SER B 260 -18.11 -5.92 -32.04
C SER B 260 -16.73 -5.73 -31.41
N ILE B 261 -16.21 -4.51 -31.47
CA ILE B 261 -14.90 -4.21 -30.94
C ILE B 261 -14.97 -3.14 -29.83
N ILE B 262 -14.20 -3.35 -28.76
CA ILE B 262 -14.18 -2.37 -27.65
C ILE B 262 -12.78 -1.76 -27.50
N ALA B 263 -12.73 -0.43 -27.51
CA ALA B 263 -11.46 0.29 -27.37
C ALA B 263 -11.51 1.27 -26.21
N PHE B 264 -10.37 1.55 -25.60
CA PHE B 264 -10.29 2.50 -24.47
C PHE B 264 -9.39 3.57 -25.00
N PRO B 265 -9.98 4.60 -25.66
CA PRO B 265 -9.17 5.67 -26.23
C PRO B 265 -8.53 6.56 -25.16
N LYS B 266 -7.36 7.12 -25.48
CA LYS B 266 -6.70 8.06 -24.59
C LYS B 266 -7.49 9.36 -24.74
N GLU B 267 -7.56 10.14 -23.67
CA GLU B 267 -8.30 11.40 -23.69
C GLU B 267 -7.94 12.27 -24.91
N GLU B 268 -6.65 12.49 -25.11
CA GLU B 268 -6.14 13.28 -26.22
C GLU B 268 -6.56 12.79 -27.62
N PHE B 269 -7.10 11.57 -27.74
CA PHE B 269 -7.44 11.10 -29.08
C PHE B 269 -8.82 10.48 -29.25
N ILE B 270 -9.71 10.71 -28.31
CA ILE B 270 -11.04 10.11 -28.40
C ILE B 270 -11.76 10.43 -29.73
N ASP B 271 -11.76 11.69 -30.16
CA ASP B 271 -12.42 12.04 -31.41
C ASP B 271 -11.82 11.32 -32.59
N GLU B 272 -10.49 11.40 -32.71
CA GLU B 272 -9.77 10.78 -33.81
C GLU B 272 -9.94 9.27 -33.91
N VAL B 273 -9.88 8.60 -32.76
CA VAL B 273 -10.05 7.16 -32.72
C VAL B 273 -11.50 6.81 -33.09
N GLU B 274 -12.46 7.58 -32.57
CA GLU B 274 -13.85 7.33 -32.91
C GLU B 274 -14.05 7.49 -34.43
N ASN B 275 -13.35 8.45 -35.03
CA ASN B 275 -13.46 8.65 -36.48
C ASN B 275 -12.89 7.45 -37.26
N ILE B 276 -11.71 6.98 -36.85
CA ILE B 276 -11.11 5.83 -37.49
C ILE B 276 -12.07 4.63 -37.43
N LEU B 277 -12.65 4.37 -36.27
CA LEU B 277 -13.58 3.26 -36.17
C LEU B 277 -14.81 3.46 -37.09
N ARG B 278 -15.27 4.71 -37.24
CA ARG B 278 -16.42 5.02 -38.10
C ARG B 278 -16.11 4.79 -39.57
N ASP B 279 -14.86 4.94 -39.96
CA ASP B 279 -14.51 4.78 -41.34
C ASP B 279 -14.43 3.34 -41.72
N TYR B 280 -13.94 2.49 -40.82
CA TYR B 280 -13.82 1.06 -41.10
C TYR B 280 -15.13 0.33 -41.00
N TYR B 281 -15.75 0.51 -39.84
CA TYR B 281 -17.03 -0.05 -39.52
C TYR B 281 -17.91 1.16 -39.67
N GLU B 282 -19.20 1.08 -39.45
CA GLU B 282 -19.89 2.35 -39.65
C GLU B 282 -20.57 2.83 -38.40
N ASN B 283 -20.91 1.87 -37.57
CA ASN B 283 -21.61 2.08 -36.34
C ASN B 283 -20.59 2.15 -35.21
N THR B 284 -20.62 3.28 -34.51
CA THR B 284 -19.73 3.49 -33.38
C THR B 284 -20.54 4.12 -32.26
N ILE B 285 -20.19 3.76 -31.04
CA ILE B 285 -20.85 4.25 -29.84
C ILE B 285 -19.79 4.74 -28.85
N ARG B 286 -20.01 5.93 -28.29
CA ARG B 286 -19.09 6.48 -27.30
C ARG B 286 -19.80 6.34 -25.97
N THR B 287 -19.19 5.63 -25.03
CA THR B 287 -19.81 5.44 -23.74
C THR B 287 -18.70 5.37 -22.69
N GLU B 288 -19.00 4.74 -21.57
CA GLU B 288 -18.04 4.60 -20.49
C GLU B 288 -18.57 3.46 -19.66
N VAL B 289 -17.93 3.18 -18.53
CA VAL B 289 -18.34 2.07 -17.68
C VAL B 289 -19.68 2.39 -17.00
N GLY B 290 -20.58 1.42 -16.99
CA GLY B 290 -21.88 1.63 -16.39
C GLY B 290 -22.04 1.00 -15.03
N LYS B 291 -23.18 1.24 -14.39
CA LYS B 291 -23.41 0.69 -13.06
C LYS B 291 -24.45 -0.40 -13.03
N GLY B 292 -24.78 -0.91 -14.21
CA GLY B 292 -25.74 -1.99 -14.28
C GLY B 292 -27.19 -1.55 -14.23
N VAL B 293 -28.08 -2.51 -14.46
CA VAL B 293 -29.52 -2.31 -14.47
C VAL B 293 -29.98 -1.42 -13.33
N GLU B 294 -30.60 -0.29 -13.68
CA GLU B 294 -31.10 0.66 -12.70
C GLU B 294 -32.48 1.18 -13.13
N VAL B 295 -33.38 1.34 -12.16
CA VAL B 295 -34.74 1.80 -12.45
C VAL B 295 -34.71 3.13 -13.18
N VAL B 296 -35.36 3.18 -14.34
CA VAL B 296 -35.41 4.41 -15.12
C VAL B 296 -36.57 5.25 -14.62
N MET C 1 16.58 7.19 -28.94
CA MET C 1 15.89 8.19 -29.74
C MET C 1 15.25 9.32 -28.90
N LYS C 2 13.99 9.15 -28.49
CA LYS C 2 13.37 10.19 -27.67
C LYS C 2 12.24 9.68 -26.76
N VAL C 3 11.96 10.41 -25.68
CA VAL C 3 10.89 10.02 -24.75
C VAL C 3 10.08 11.26 -24.35
N ARG C 4 8.78 11.07 -24.16
CA ARG C 4 7.89 12.18 -23.82
C ARG C 4 7.29 11.86 -22.46
N VAL C 5 7.26 12.87 -21.60
CA VAL C 5 6.79 12.67 -20.25
C VAL C 5 5.79 13.74 -19.72
N LYS C 6 4.88 13.37 -18.82
CA LYS C 6 3.97 14.33 -18.17
C LYS C 6 4.50 14.35 -16.74
N ALA C 7 4.89 15.53 -16.27
CA ALA C 7 5.50 15.75 -14.96
C ALA C 7 4.58 16.68 -14.18
N PRO C 8 4.01 16.18 -13.09
CA PRO C 8 3.08 17.00 -12.32
C PRO C 8 3.51 18.06 -11.33
N CYS C 9 2.61 19.01 -11.16
CA CYS C 9 2.77 20.05 -10.17
C CYS C 9 2.59 19.29 -8.83
N THR C 10 3.09 19.87 -7.75
CA THR C 10 3.01 19.27 -6.44
C THR C 10 2.75 20.37 -5.37
N SER C 11 2.22 19.97 -4.24
CA SER C 11 1.95 20.90 -3.18
C SER C 11 2.72 20.46 -1.92
N ALA C 12 3.66 21.31 -1.49
CA ALA C 12 4.53 21.06 -0.34
C ALA C 12 4.06 21.75 0.92
N ASN C 13 4.62 21.31 2.05
CA ASN C 13 4.36 21.81 3.40
C ASN C 13 3.08 21.27 4.04
N LEU C 14 1.94 21.52 3.40
CA LEU C 14 0.66 21.09 3.94
C LEU C 14 0.55 21.45 5.43
N GLY C 15 0.67 22.73 5.74
CA GLY C 15 0.53 23.15 7.13
C GLY C 15 1.64 22.79 8.09
N VAL C 16 1.39 21.79 8.92
CA VAL C 16 2.38 21.37 9.89
C VAL C 16 3.53 20.54 9.33
N GLY C 17 3.48 20.25 8.03
CA GLY C 17 4.52 19.43 7.38
C GLY C 17 5.63 20.25 6.68
N PHE C 18 5.78 21.48 7.14
CA PHE C 18 6.73 22.41 6.57
C PHE C 18 8.09 21.82 6.24
N ASP C 19 8.45 21.87 4.96
CA ASP C 19 9.75 21.35 4.47
C ASP C 19 9.92 19.85 4.57
N VAL C 20 8.84 19.16 4.89
CA VAL C 20 8.88 17.68 4.95
C VAL C 20 7.86 17.05 3.99
N PHE C 21 6.57 17.40 4.16
CA PHE C 21 5.49 16.82 3.40
C PHE C 21 5.35 17.28 1.98
N GLY C 22 4.76 16.43 1.15
CA GLY C 22 4.51 16.81 -0.23
C GLY C 22 3.39 15.93 -0.76
N LEU C 23 2.55 16.48 -1.62
CA LEU C 23 1.46 15.69 -2.17
C LEU C 23 1.49 15.94 -3.65
N CYS C 24 1.44 14.86 -4.41
CA CYS C 24 1.49 14.96 -5.86
C CYS C 24 0.12 15.24 -6.44
N LEU C 25 0.03 16.22 -7.33
CA LEU C 25 -1.24 16.54 -7.97
C LEU C 25 -1.27 15.78 -9.33
N LYS C 26 -2.48 15.60 -9.87
CA LYS C 26 -2.58 14.95 -11.17
C LYS C 26 -2.53 16.04 -12.24
N GLU C 27 -3.04 17.24 -11.91
CA GLU C 27 -3.04 18.38 -12.83
C GLU C 27 -2.76 19.59 -11.93
N PRO C 28 -2.08 20.63 -12.45
CA PRO C 28 -1.49 20.82 -13.78
C PRO C 28 -0.18 20.06 -13.88
N TYR C 29 0.39 19.97 -15.09
CA TYR C 29 1.64 19.26 -15.29
C TYR C 29 2.38 19.83 -16.48
N ASP C 30 3.69 19.59 -16.53
CA ASP C 30 4.53 20.00 -17.66
C ASP C 30 4.53 18.80 -18.62
N VAL C 31 4.66 19.05 -19.93
CA VAL C 31 4.80 17.96 -20.88
C VAL C 31 6.25 18.20 -21.38
N ILE C 32 7.12 17.24 -21.14
CA ILE C 32 8.52 17.40 -21.51
C ILE C 32 8.96 16.30 -22.45
N GLU C 33 9.62 16.68 -23.53
CA GLU C 33 10.14 15.71 -24.47
C GLU C 33 11.65 15.85 -24.47
N VAL C 34 12.34 14.73 -24.42
CA VAL C 34 13.80 14.74 -24.38
C VAL C 34 14.22 13.84 -25.53
N GLU C 35 15.04 14.37 -26.42
CA GLU C 35 15.51 13.63 -27.58
C GLU C 35 17.04 13.63 -27.61
N ALA C 36 17.62 12.45 -27.87
CA ALA C 36 19.07 12.36 -27.91
C ALA C 36 19.60 12.95 -29.22
N ILE C 37 20.69 13.70 -29.15
CA ILE C 37 21.28 14.31 -30.35
C ILE C 37 22.79 14.03 -30.32
N ASP C 38 23.41 14.00 -31.50
CA ASP C 38 24.84 13.70 -31.63
C ASP C 38 25.82 14.69 -31.01
N ASP C 39 25.54 15.99 -31.12
CA ASP C 39 26.46 16.96 -30.53
C ASP C 39 26.30 17.04 -29.01
N LYS C 40 27.44 17.04 -28.33
CA LYS C 40 27.50 17.11 -26.87
C LYS C 40 26.98 18.48 -26.44
N GLU C 41 25.69 18.69 -26.64
CA GLU C 41 25.08 19.97 -26.30
C GLU C 41 23.68 19.77 -25.73
N ILE C 42 23.27 20.67 -24.86
CA ILE C 42 21.93 20.59 -24.28
C ILE C 42 21.15 21.78 -24.79
N ILE C 43 20.16 21.50 -25.63
CA ILE C 43 19.32 22.52 -26.23
C ILE C 43 17.93 22.49 -25.58
N ILE C 44 17.43 23.66 -25.22
CA ILE C 44 16.12 23.77 -24.55
C ILE C 44 15.11 24.77 -25.15
N GLU C 45 13.87 24.32 -25.29
CA GLU C 45 12.77 25.15 -25.78
C GLU C 45 11.65 25.13 -24.73
N VAL C 46 11.09 26.30 -24.42
CA VAL C 46 10.03 26.40 -23.42
C VAL C 46 8.95 27.32 -23.96
N ASP C 47 7.68 26.97 -23.76
CA ASP C 47 6.60 27.80 -24.25
C ASP C 47 6.30 29.03 -23.38
N ASP C 48 6.98 29.15 -22.24
CA ASP C 48 6.82 30.28 -21.34
C ASP C 48 8.11 31.08 -21.46
N LYS C 49 8.05 32.28 -22.02
CA LYS C 49 9.27 33.07 -22.20
C LYS C 49 9.85 33.78 -20.97
N ASN C 50 9.20 33.63 -19.82
CA ASN C 50 9.74 34.19 -18.59
C ASN C 50 10.73 33.14 -18.02
N ILE C 51 10.88 32.03 -18.75
CA ILE C 51 11.75 30.93 -18.34
C ILE C 51 12.90 30.77 -19.32
N PRO C 52 14.14 30.73 -18.81
CA PRO C 52 15.40 30.60 -19.56
C PRO C 52 15.45 29.39 -20.46
N THR C 53 16.22 29.52 -21.52
CA THR C 53 16.45 28.46 -22.48
C THR C 53 17.95 28.11 -22.35
N ASP C 54 18.66 28.96 -21.62
CA ASP C 54 20.07 28.76 -21.34
C ASP C 54 20.15 27.50 -20.46
N PRO C 55 20.78 26.42 -20.95
CA PRO C 55 20.90 25.16 -20.20
C PRO C 55 21.59 25.25 -18.85
N ASP C 56 22.20 26.38 -18.51
CA ASP C 56 22.83 26.48 -17.21
C ASP C 56 21.89 27.24 -16.27
N LYS C 57 20.76 27.69 -16.79
CA LYS C 57 19.79 28.42 -15.98
C LYS C 57 18.45 27.69 -15.88
N ASN C 58 18.07 26.97 -16.95
CA ASN C 58 16.82 26.22 -16.92
C ASN C 58 17.07 24.91 -16.15
N VAL C 59 16.26 24.65 -15.12
CA VAL C 59 16.46 23.47 -14.30
C VAL C 59 16.56 22.18 -15.09
N ALA C 60 15.80 22.07 -16.17
CA ALA C 60 15.88 20.84 -16.98
C ALA C 60 17.33 20.69 -17.49
N GLY C 61 17.94 21.80 -17.90
CA GLY C 61 19.30 21.73 -18.38
C GLY C 61 20.30 21.41 -17.29
N ILE C 62 20.08 21.95 -16.09
CA ILE C 62 20.97 21.68 -14.97
C ILE C 62 20.90 20.20 -14.59
N VAL C 63 19.69 19.66 -14.55
CA VAL C 63 19.52 18.22 -14.22
C VAL C 63 20.10 17.32 -15.35
N ALA C 64 19.81 17.63 -16.61
CA ALA C 64 20.32 16.80 -17.69
C ALA C 64 21.86 16.74 -17.70
N LYS C 65 22.50 17.88 -17.53
CA LYS C 65 23.97 17.96 -17.53
C LYS C 65 24.59 17.09 -16.45
N LYS C 66 24.07 17.25 -15.25
CA LYS C 66 24.56 16.50 -14.12
C LYS C 66 24.42 15.00 -14.40
N MET C 67 23.32 14.57 -15.01
CA MET C 67 23.18 13.15 -15.28
C MET C 67 24.04 12.72 -16.47
N ILE C 68 24.16 13.60 -17.46
CA ILE C 68 24.99 13.33 -18.63
C ILE C 68 26.40 13.13 -18.10
N ASP C 69 26.89 14.07 -17.30
CA ASP C 69 28.24 13.96 -16.75
C ASP C 69 28.45 12.68 -15.94
N ASP C 70 27.70 12.52 -14.85
CA ASP C 70 27.86 11.33 -14.01
C ASP C 70 27.91 10.01 -14.76
N PHE C 71 27.04 9.84 -15.74
CA PHE C 71 27.04 8.58 -16.46
C PHE C 71 27.90 8.59 -17.72
N ASN C 72 28.68 9.65 -17.90
CA ASN C 72 29.55 9.78 -19.09
C ASN C 72 28.78 9.40 -20.34
N ILE C 73 27.57 9.94 -20.46
CA ILE C 73 26.72 9.69 -21.60
C ILE C 73 27.33 10.43 -22.79
N GLY C 74 27.42 9.73 -23.92
CA GLY C 74 28.03 10.32 -25.10
C GLY C 74 27.26 11.44 -25.73
N LYS C 75 25.97 11.21 -26.00
CA LYS C 75 25.12 12.20 -26.66
C LYS C 75 24.71 13.44 -25.87
N GLY C 76 24.04 14.35 -26.58
CA GLY C 76 23.52 15.56 -25.98
C GLY C 76 22.01 15.39 -26.01
N VAL C 77 21.24 16.41 -25.63
CA VAL C 77 19.80 16.23 -25.69
C VAL C 77 19.14 17.55 -26.05
N LYS C 78 17.98 17.43 -26.67
CA LYS C 78 17.16 18.58 -27.00
C LYS C 78 15.94 18.36 -26.10
N ILE C 79 15.63 19.33 -25.28
CA ILE C 79 14.51 19.22 -24.33
C ILE C 79 13.42 20.20 -24.67
N THR C 80 12.21 19.69 -24.92
CA THR C 80 11.09 20.57 -25.24
C THR C 80 10.08 20.57 -24.10
N ILE C 81 9.85 21.76 -23.56
CA ILE C 81 8.97 21.93 -22.43
C ILE C 81 7.70 22.70 -22.67
N LYS C 82 6.56 22.10 -22.32
CA LYS C 82 5.26 22.79 -22.39
C LYS C 82 4.91 22.93 -20.90
N LYS C 83 4.95 24.15 -20.38
CA LYS C 83 4.68 24.39 -18.96
C LYS C 83 3.23 24.24 -18.50
N GLY C 84 3.04 23.62 -17.34
CA GLY C 84 1.70 23.46 -16.82
C GLY C 84 1.32 24.67 -15.99
N VAL C 85 2.26 25.22 -15.26
CA VAL C 85 1.91 26.37 -14.46
C VAL C 85 3.11 27.26 -14.28
N LYS C 86 2.83 28.53 -14.02
CA LYS C 86 3.88 29.51 -13.82
C LYS C 86 4.62 29.30 -12.51
N ALA C 87 5.87 29.75 -12.50
CA ALA C 87 6.70 29.68 -11.32
C ALA C 87 6.20 30.72 -10.32
N GLY C 88 6.62 30.56 -9.06
CA GLY C 88 6.23 31.49 -8.01
C GLY C 88 4.79 31.37 -7.55
N SER C 89 4.11 30.27 -7.89
CA SER C 89 2.73 30.11 -7.44
C SER C 89 2.53 29.08 -6.31
N GLY C 90 3.64 28.46 -5.87
CA GLY C 90 3.56 27.48 -4.80
C GLY C 90 3.19 26.07 -5.26
N LEU C 91 3.20 25.84 -6.58
CA LEU C 91 2.83 24.53 -7.15
C LEU C 91 3.96 23.67 -7.72
N GLY C 92 5.19 23.94 -7.27
CA GLY C 92 6.36 23.19 -7.74
C GLY C 92 6.57 23.18 -9.25
N SER C 93 6.50 24.35 -9.86
CA SER C 93 6.70 24.46 -11.30
C SER C 93 8.12 24.07 -11.70
N SER C 94 9.14 24.60 -11.06
CA SER C 94 10.50 24.18 -11.46
C SER C 94 10.70 22.68 -11.11
N ALA C 95 10.06 22.22 -10.04
CA ALA C 95 10.15 20.81 -9.67
C ALA C 95 9.56 19.92 -10.77
N ALA C 96 8.46 20.34 -11.40
CA ALA C 96 7.88 19.52 -12.49
C ALA C 96 8.95 19.28 -13.55
N SER C 97 9.62 20.36 -13.95
CA SER C 97 10.68 20.26 -14.96
C SER C 97 11.89 19.44 -14.48
N SER C 98 12.33 19.67 -13.26
CA SER C 98 13.48 18.92 -12.75
C SER C 98 13.23 17.42 -12.67
N ALA C 99 12.07 17.05 -12.12
CA ALA C 99 11.71 15.64 -11.97
C ALA C 99 11.38 15.00 -13.31
N GLY C 100 10.65 15.72 -14.15
CA GLY C 100 10.31 15.15 -15.45
C GLY C 100 11.60 14.88 -16.23
N THR C 101 12.53 15.82 -16.15
CA THR C 101 13.79 15.64 -16.84
C THR C 101 14.60 14.49 -16.27
N ALA C 102 14.76 14.44 -14.95
CA ALA C 102 15.53 13.35 -14.38
C ALA C 102 14.93 12.02 -14.80
N TYR C 103 13.60 11.93 -14.79
CA TYR C 103 12.93 10.69 -15.17
C TYR C 103 13.07 10.41 -16.69
N ALA C 104 13.01 11.46 -17.50
CA ALA C 104 13.12 11.28 -18.96
C ALA C 104 14.51 10.76 -19.25
N ILE C 105 15.52 11.42 -18.69
CA ILE C 105 16.90 10.99 -18.94
C ILE C 105 17.05 9.52 -18.57
N ASN C 106 16.55 9.15 -17.39
CA ASN C 106 16.63 7.78 -16.92
C ASN C 106 16.00 6.78 -17.90
N GLU C 107 14.89 7.19 -18.52
CA GLU C 107 14.21 6.32 -19.48
C GLU C 107 14.97 6.27 -20.80
N LEU C 108 15.23 7.43 -21.38
CA LEU C 108 15.93 7.57 -22.65
C LEU C 108 17.23 6.75 -22.72
N PHE C 109 18.12 6.96 -21.77
CA PHE C 109 19.39 6.27 -21.74
C PHE C 109 19.46 5.00 -20.89
N LYS C 110 18.30 4.43 -20.56
CA LYS C 110 18.22 3.18 -19.79
C LYS C 110 19.13 3.01 -18.59
N LEU C 111 19.12 3.98 -17.67
CA LEU C 111 19.98 3.92 -16.51
C LEU C 111 19.45 3.04 -15.36
N ASN C 112 18.19 2.59 -15.47
CA ASN C 112 17.63 1.75 -14.41
C ASN C 112 17.80 2.27 -12.96
N LEU C 113 17.81 3.58 -12.80
CA LEU C 113 17.96 4.19 -11.46
C LEU C 113 16.65 4.11 -10.61
N ASP C 114 16.78 3.92 -9.30
CA ASP C 114 15.58 3.85 -8.45
C ASP C 114 15.01 5.27 -8.23
N LYS C 115 13.78 5.33 -7.74
CA LYS C 115 13.11 6.62 -7.59
C LYS C 115 13.81 7.60 -6.68
N LEU C 116 14.37 7.11 -5.58
CA LEU C 116 15.11 8.00 -4.68
C LEU C 116 16.26 8.67 -5.47
N LYS C 117 17.03 7.91 -6.24
CA LYS C 117 18.14 8.53 -7.00
C LYS C 117 17.60 9.59 -7.97
N LEU C 118 16.45 9.32 -8.61
CA LEU C 118 15.87 10.33 -9.51
C LEU C 118 15.50 11.63 -8.73
N VAL C 119 14.97 11.48 -7.52
CA VAL C 119 14.62 12.61 -6.68
C VAL C 119 15.92 13.37 -6.35
N ASP C 120 16.96 12.62 -6.02
CA ASP C 120 18.25 13.23 -5.72
C ASP C 120 18.75 14.07 -6.92
N TYR C 121 18.76 13.50 -8.12
CA TYR C 121 19.17 14.28 -9.30
C TYR C 121 18.27 15.48 -9.53
N ALA C 122 16.97 15.27 -9.40
CA ALA C 122 16.04 16.36 -9.62
C ALA C 122 16.25 17.48 -8.62
N SER C 123 16.66 17.16 -7.39
CA SER C 123 16.85 18.20 -6.39
C SER C 123 17.94 19.21 -6.77
N TYR C 124 18.85 18.83 -7.68
CA TYR C 124 19.89 19.77 -8.13
C TYR C 124 19.20 20.91 -8.88
N GLY C 125 18.09 20.60 -9.55
CA GLY C 125 17.35 21.64 -10.26
C GLY C 125 16.83 22.64 -9.23
N GLU C 126 16.39 22.13 -8.08
CA GLU C 126 15.86 22.99 -7.03
C GLU C 126 16.96 23.81 -6.34
N LEU C 127 18.16 23.26 -6.26
CA LEU C 127 19.29 23.96 -5.66
C LEU C 127 19.62 25.18 -6.55
N ALA C 128 19.49 24.99 -7.85
CA ALA C 128 19.77 26.08 -8.78
C ALA C 128 18.64 27.11 -8.74
N SER C 129 17.40 26.65 -8.90
CA SER C 129 16.25 27.56 -8.90
C SER C 129 15.84 28.15 -7.56
N SER C 130 16.41 27.70 -6.44
CA SER C 130 15.98 28.24 -5.15
C SER C 130 17.08 28.50 -4.14
N GLY C 131 18.32 28.18 -4.50
CA GLY C 131 19.42 28.38 -3.56
C GLY C 131 19.59 27.25 -2.56
N ALA C 132 18.63 26.32 -2.49
CA ALA C 132 18.72 25.19 -1.57
C ALA C 132 18.35 23.88 -2.25
N LYS C 133 19.06 22.80 -1.92
CA LYS C 133 18.81 21.50 -2.53
C LYS C 133 17.62 20.81 -1.80
N HIS C 134 16.43 21.42 -1.83
CA HIS C 134 15.22 20.86 -1.18
C HIS C 134 14.58 19.81 -2.11
N ALA C 135 14.09 18.72 -1.53
CA ALA C 135 13.46 17.66 -2.31
C ALA C 135 11.96 17.50 -2.02
N ASP C 136 11.39 18.38 -1.18
CA ASP C 136 10.01 18.16 -0.86
C ASP C 136 8.99 18.35 -2.00
N ASN C 137 9.39 18.92 -3.13
CA ASN C 137 8.50 19.01 -4.30
C ASN C 137 8.91 17.95 -5.33
N VAL C 138 10.22 17.74 -5.54
CA VAL C 138 10.57 16.72 -6.55
C VAL C 138 10.26 15.33 -6.02
N ALA C 139 10.24 15.15 -4.71
CA ALA C 139 9.94 13.82 -4.19
C ALA C 139 8.51 13.34 -4.60
N PRO C 140 7.50 14.17 -4.34
CA PRO C 140 6.15 13.73 -4.73
C PRO C 140 5.99 13.73 -6.25
N ALA C 141 6.69 14.62 -6.97
CA ALA C 141 6.58 14.59 -8.42
C ALA C 141 7.08 13.24 -8.95
N ILE C 142 8.10 12.65 -8.33
CA ILE C 142 8.61 11.37 -8.79
C ILE C 142 7.77 10.20 -8.26
N PHE C 143 7.58 10.15 -6.95
CA PHE C 143 6.86 9.05 -6.31
C PHE C 143 5.31 9.00 -6.47
N GLY C 144 4.70 10.16 -6.67
CA GLY C 144 3.24 10.22 -6.72
C GLY C 144 2.76 10.13 -5.28
N GLY C 145 1.47 10.28 -5.06
CA GLY C 145 0.95 10.15 -3.71
C GLY C 145 1.47 11.19 -2.74
N PHE C 146 1.73 10.76 -1.52
CA PHE C 146 2.20 11.62 -0.43
C PHE C 146 3.62 11.19 -0.09
N THR C 147 4.51 12.16 0.12
CA THR C 147 5.88 11.83 0.49
C THR C 147 6.34 12.65 1.66
N MET C 148 7.33 12.11 2.38
CA MET C 148 7.94 12.83 3.47
C MET C 148 9.47 12.80 3.26
N VAL C 149 10.08 13.99 3.20
CA VAL C 149 11.53 14.06 3.07
C VAL C 149 12.00 14.13 4.54
N THR C 150 12.59 13.05 5.00
CA THR C 150 12.97 12.94 6.40
C THR C 150 14.44 13.03 6.73
N ASN C 151 15.26 13.32 5.73
CA ASN C 151 16.67 13.41 5.97
C ASN C 151 17.32 13.93 4.72
N TYR C 152 18.36 14.73 4.91
CA TYR C 152 19.16 15.23 3.82
C TYR C 152 20.57 14.65 3.90
N GLU C 153 20.90 13.97 4.99
CA GLU C 153 22.22 13.34 5.10
C GLU C 153 22.13 11.88 5.57
N PRO C 154 22.00 10.96 4.60
CA PRO C 154 21.89 11.30 3.17
C PRO C 154 20.39 11.61 2.85
N LEU C 155 20.04 11.85 1.58
CA LEU C 155 18.65 12.14 1.23
C LEU C 155 17.77 10.92 1.50
N GLU C 156 16.66 11.10 2.23
CA GLU C 156 15.76 9.96 2.48
C GLU C 156 14.32 10.45 2.23
N VAL C 157 13.50 9.60 1.60
CA VAL C 157 12.14 9.94 1.23
C VAL C 157 11.27 8.75 1.59
N LEU C 158 10.18 9.01 2.32
CA LEU C 158 9.29 7.93 2.72
C LEU C 158 8.03 8.18 1.93
N HIS C 159 7.59 7.16 1.22
CA HIS C 159 6.44 7.30 0.34
C HIS C 159 5.19 6.63 0.93
N ILE C 160 4.06 7.33 0.90
CA ILE C 160 2.81 6.71 1.36
C ILE C 160 1.83 6.86 0.16
N PRO C 161 1.57 5.76 -0.57
CA PRO C 161 0.65 5.86 -1.70
C PRO C 161 -0.75 6.19 -1.17
N ILE C 162 -1.51 6.96 -1.94
CA ILE C 162 -2.87 7.32 -1.56
C ILE C 162 -3.74 6.47 -2.53
N ASP C 163 -4.31 5.39 -2.02
CA ASP C 163 -5.11 4.53 -2.85
C ASP C 163 -6.62 4.77 -2.72
N PHE C 164 -7.00 5.74 -1.88
CA PHE C 164 -8.39 6.12 -1.69
C PHE C 164 -8.64 7.45 -2.43
N LYS C 165 -9.89 7.82 -2.59
CA LYS C 165 -10.21 9.04 -3.31
C LYS C 165 -9.89 10.30 -2.52
N LEU C 166 -9.21 11.22 -3.16
CA LEU C 166 -8.93 12.47 -2.48
C LEU C 166 -9.09 13.61 -3.48
N ASP C 167 -10.24 14.26 -3.46
CA ASP C 167 -10.43 15.40 -4.38
C ASP C 167 -9.62 16.62 -3.90
N ILE C 168 -9.09 17.34 -4.87
CA ILE C 168 -8.30 18.52 -4.60
C ILE C 168 -8.75 19.69 -5.44
N LEU C 169 -8.85 20.86 -4.82
CA LEU C 169 -9.21 22.13 -5.50
C LEU C 169 -8.02 23.06 -5.28
N ILE C 170 -7.54 23.69 -6.35
CA ILE C 170 -6.41 24.61 -6.30
C ILE C 170 -6.81 26.01 -6.79
N ALA C 171 -6.63 27.04 -5.98
CA ALA C 171 -6.93 28.40 -6.43
C ALA C 171 -5.58 29.07 -6.64
N ILE C 172 -5.34 29.59 -7.84
CA ILE C 172 -4.06 30.22 -8.16
C ILE C 172 -4.14 31.73 -8.30
N PRO C 173 -3.81 32.48 -7.23
CA PRO C 173 -3.87 33.95 -7.32
C PRO C 173 -2.96 34.44 -8.43
N ASN C 174 -3.24 35.62 -8.96
CA ASN C 174 -2.41 36.17 -10.03
C ASN C 174 -1.33 37.09 -9.46
N ILE C 175 -0.56 36.55 -8.53
CA ILE C 175 0.52 37.26 -7.91
C ILE C 175 1.55 36.17 -7.62
N SER C 176 2.80 36.55 -7.42
CA SER C 176 3.82 35.56 -7.17
C SER C 176 4.61 35.88 -5.92
N ILE C 177 5.22 34.84 -5.37
CA ILE C 177 6.04 34.91 -4.18
C ILE C 177 7.31 34.18 -4.55
N ASN C 178 8.41 34.94 -4.56
CA ASN C 178 9.75 34.47 -4.91
C ASN C 178 10.45 33.74 -3.74
N THR C 179 11.61 33.15 -4.01
CA THR C 179 12.41 32.44 -3.00
C THR C 179 12.97 33.32 -1.86
N LYS C 180 13.13 34.61 -2.12
CA LYS C 180 13.67 35.51 -1.09
C LYS C 180 12.51 35.81 -0.20
N GLU C 181 11.43 36.27 -0.82
CA GLU C 181 10.21 36.62 -0.11
C GLU C 181 9.76 35.44 0.76
N ALA C 182 10.08 34.22 0.34
CA ALA C 182 9.69 33.03 1.09
C ALA C 182 10.37 32.97 2.47
N ARG C 183 11.70 33.10 2.51
CA ARG C 183 12.36 33.09 3.81
C ARG C 183 12.56 34.50 4.39
N GLU C 184 11.59 35.37 4.13
CA GLU C 184 11.57 36.75 4.65
C GLU C 184 10.37 36.77 5.59
N ILE C 185 9.57 35.71 5.51
CA ILE C 185 8.40 35.52 6.37
C ILE C 185 8.89 34.73 7.59
N LEU C 186 9.55 33.61 7.28
CA LEU C 186 10.13 32.65 8.22
C LEU C 186 10.87 33.16 9.46
N PRO C 187 10.48 32.65 10.65
CA PRO C 187 11.08 33.01 11.93
C PRO C 187 12.44 32.33 11.98
N LYS C 188 13.28 32.75 12.91
CA LYS C 188 14.59 32.12 13.04
C LYS C 188 14.39 31.04 14.11
N ALA C 189 13.56 31.39 15.08
CA ALA C 189 13.29 30.51 16.20
C ALA C 189 11.81 30.21 16.33
N VAL C 190 11.53 29.11 17.01
CA VAL C 190 10.20 28.63 17.23
C VAL C 190 10.06 28.26 18.71
N GLY C 191 8.92 28.55 19.30
CA GLY C 191 8.70 28.21 20.69
C GLY C 191 8.69 26.69 20.84
N LEU C 192 9.10 26.21 22.01
CA LEU C 192 9.12 24.78 22.29
C LEU C 192 7.72 24.20 22.15
N LYS C 193 6.71 24.93 22.60
CA LYS C 193 5.30 24.49 22.52
C LYS C 193 4.84 24.31 21.08
N ASP C 194 5.47 25.04 20.17
CA ASP C 194 5.09 24.89 18.80
C ASP C 194 5.80 23.69 18.20
N LEU C 195 7.03 23.44 18.63
CA LEU C 195 7.75 22.27 18.13
C LEU C 195 6.89 21.05 18.50
N VAL C 196 6.42 21.03 19.75
CA VAL C 196 5.58 19.94 20.25
C VAL C 196 4.26 19.85 19.45
N ASN C 197 3.62 20.99 19.21
CA ASN C 197 2.36 20.95 18.48
C ASN C 197 2.55 20.44 17.05
N ASN C 198 3.51 21.00 16.33
CA ASN C 198 3.72 20.59 14.94
C ASN C 198 4.14 19.15 14.80
N VAL C 199 4.94 18.66 15.74
CA VAL C 199 5.36 17.28 15.68
C VAL C 199 4.14 16.39 15.87
N GLY C 200 3.32 16.69 16.89
CA GLY C 200 2.14 15.89 17.16
C GLY C 200 1.16 15.87 16.00
N LYS C 201 0.85 17.04 15.46
CA LYS C 201 -0.09 17.16 14.35
C LYS C 201 0.44 16.55 13.03
N ALA C 202 1.72 16.71 12.72
CA ALA C 202 2.28 16.15 11.49
C ALA C 202 2.23 14.63 11.65
N CYS C 203 2.59 14.14 12.84
CA CYS C 203 2.55 12.71 13.08
C CYS C 203 1.10 12.18 13.01
N GLY C 204 0.14 12.99 13.49
CA GLY C 204 -1.25 12.61 13.43
C GLY C 204 -1.73 12.53 11.98
N MET C 205 -1.16 13.33 11.09
CA MET C 205 -1.53 13.29 9.66
C MET C 205 -1.04 11.97 9.03
N VAL C 206 0.12 11.46 9.46
CA VAL C 206 0.61 10.17 8.93
C VAL C 206 -0.37 9.08 9.37
N TYR C 207 -0.65 9.07 10.67
CA TYR C 207 -1.61 8.11 11.22
C TYR C 207 -2.90 8.25 10.38
N ALA C 208 -3.35 9.48 10.14
CA ALA C 208 -4.57 9.69 9.38
C ALA C 208 -4.53 9.02 8.02
N LEU C 209 -3.42 9.15 7.29
CA LEU C 209 -3.39 8.53 5.96
C LEU C 209 -3.50 7.01 6.04
N TYR C 210 -2.77 6.39 6.96
CA TYR C 210 -2.81 4.95 7.10
C TYR C 210 -4.19 4.45 7.52
N ASN C 211 -4.96 5.33 8.14
CA ASN C 211 -6.32 5.01 8.59
C ASN C 211 -7.36 5.60 7.63
N LYS C 212 -6.92 6.17 6.52
CA LYS C 212 -7.81 6.75 5.52
C LYS C 212 -8.82 7.69 6.12
N ASP C 213 -8.35 8.48 7.07
CA ASP C 213 -9.17 9.43 7.79
C ASP C 213 -8.94 10.85 7.28
N LYS C 214 -9.71 11.26 6.27
CA LYS C 214 -9.58 12.58 5.68
C LYS C 214 -9.94 13.74 6.59
N SER C 215 -10.86 13.53 7.52
CA SER C 215 -11.23 14.61 8.42
C SER C 215 -10.08 14.90 9.36
N LEU C 216 -9.45 13.84 9.85
CA LEU C 216 -8.31 14.00 10.77
C LEU C 216 -7.11 14.61 10.01
N PHE C 217 -6.80 14.09 8.82
CA PHE C 217 -5.68 14.62 8.00
C PHE C 217 -5.85 16.13 7.80
N GLY C 218 -7.05 16.53 7.32
CA GLY C 218 -7.32 17.92 7.04
C GLY C 218 -7.35 18.83 8.23
N ARG C 219 -7.93 18.34 9.30
CA ARG C 219 -8.00 19.12 10.53
C ARG C 219 -6.57 19.35 11.09
N TYR C 220 -5.76 18.29 11.17
CA TYR C 220 -4.43 18.52 11.71
C TYR C 220 -3.62 19.40 10.74
N MET C 221 -3.88 19.26 9.45
CA MET C 221 -3.16 20.06 8.47
C MET C 221 -3.34 21.56 8.70
N MET C 222 -4.48 21.97 9.25
CA MET C 222 -4.71 23.42 9.43
C MET C 222 -4.30 23.92 10.80
N SER C 223 -3.48 23.14 11.51
CA SER C 223 -3.06 23.51 12.86
C SER C 223 -1.75 24.29 13.02
N ASP C 224 -1.11 24.72 11.94
CA ASP C 224 0.16 25.39 12.13
C ASP C 224 0.05 26.83 12.61
N LYS C 225 0.76 27.16 13.68
CA LYS C 225 0.75 28.53 14.19
C LYS C 225 2.08 29.17 13.93
N VAL C 226 3.00 28.40 13.36
CA VAL C 226 4.34 28.91 13.13
C VAL C 226 4.58 29.69 11.85
N ILE C 227 4.15 29.13 10.73
CA ILE C 227 4.39 29.75 9.43
C ILE C 227 3.10 30.13 8.69
N GLU C 228 2.03 29.34 8.80
CA GLU C 228 0.83 29.70 8.07
C GLU C 228 0.24 31.10 8.35
N PRO C 229 0.13 31.50 9.64
CA PRO C 229 -0.41 32.79 10.08
C PRO C 229 0.24 34.00 9.44
N VAL C 230 1.54 33.90 9.21
CA VAL C 230 2.31 34.97 8.58
C VAL C 230 2.17 34.86 7.06
N ARG C 231 2.44 33.69 6.51
CA ARG C 231 2.31 33.56 5.06
C ARG C 231 0.89 33.80 4.56
N GLY C 232 -0.11 33.49 5.39
CA GLY C 232 -1.49 33.69 4.96
C GLY C 232 -1.88 35.14 4.67
N LYS C 233 -1.11 36.05 5.26
CA LYS C 233 -1.33 37.48 5.10
C LYS C 233 -0.95 37.97 3.71
N LEU C 234 -0.16 37.19 2.98
CA LEU C 234 0.25 37.61 1.65
C LEU C 234 -0.76 37.19 0.58
N ILE C 235 -1.82 36.50 0.97
CA ILE C 235 -2.78 36.00 -0.02
C ILE C 235 -4.15 36.66 0.16
N PRO C 236 -4.57 37.46 -0.83
CA PRO C 236 -5.87 38.15 -0.75
C PRO C 236 -7.05 37.23 -0.38
N ASN C 237 -7.77 37.60 0.67
CA ASN C 237 -8.95 36.85 1.10
C ASN C 237 -8.71 35.44 1.64
N TYR C 238 -7.44 35.06 1.81
CA TYR C 238 -7.15 33.71 2.29
C TYR C 238 -7.98 33.34 3.51
N PHE C 239 -7.89 34.14 4.58
CA PHE C 239 -8.62 33.80 5.80
C PHE C 239 -10.13 33.84 5.67
N LYS C 240 -10.62 34.73 4.81
CA LYS C 240 -12.05 34.82 4.58
C LYS C 240 -12.48 33.54 3.87
N ILE C 241 -11.71 33.16 2.86
CA ILE C 241 -12.04 31.95 2.12
C ILE C 241 -12.05 30.76 3.07
N LYS C 242 -11.00 30.65 3.87
CA LYS C 242 -10.87 29.57 4.82
C LYS C 242 -12.15 29.47 5.68
N GLU C 243 -12.55 30.59 6.24
CA GLU C 243 -13.73 30.64 7.07
C GLU C 243 -14.96 30.31 6.24
N GLU C 244 -15.01 30.87 5.05
CA GLU C 244 -16.15 30.66 4.17
C GLU C 244 -16.36 29.20 3.76
N VAL C 245 -15.29 28.42 3.58
CA VAL C 245 -15.46 27.02 3.16
C VAL C 245 -15.39 26.06 4.35
N LYS C 246 -15.18 26.64 5.51
CA LYS C 246 -15.05 25.94 6.78
C LYS C 246 -15.61 24.53 6.95
N ASP C 247 -16.91 24.35 6.81
CA ASP C 247 -17.42 23.01 7.03
C ASP C 247 -17.74 22.23 5.77
N LYS C 248 -17.25 22.73 4.63
CA LYS C 248 -17.48 22.04 3.38
C LYS C 248 -16.21 21.37 2.86
N VAL C 249 -15.11 21.48 3.62
CA VAL C 249 -13.84 20.85 3.21
C VAL C 249 -13.22 20.08 4.36
N TYR C 250 -12.41 19.07 4.06
CA TYR C 250 -11.75 18.37 5.15
C TYR C 250 -10.64 19.29 5.71
N GLY C 251 -10.14 20.19 4.85
CA GLY C 251 -9.12 21.10 5.30
C GLY C 251 -8.75 21.96 4.13
N ILE C 252 -8.08 23.07 4.40
CA ILE C 252 -7.66 23.94 3.33
C ILE C 252 -6.42 24.63 3.83
N THR C 253 -5.44 24.88 2.97
CA THR C 253 -4.25 25.51 3.47
C THR C 253 -3.46 26.09 2.34
N ILE C 254 -2.28 26.62 2.66
CA ILE C 254 -1.45 27.22 1.63
C ILE C 254 -0.62 26.14 0.96
N SER C 255 -0.52 26.21 -0.36
CA SER C 255 0.28 25.25 -1.12
C SER C 255 1.74 25.74 -1.23
N GLY C 256 2.67 25.02 -0.62
CA GLY C 256 4.06 25.46 -0.67
C GLY C 256 4.22 26.83 -0.02
N SER C 257 5.00 27.69 -0.66
CA SER C 257 5.23 29.05 -0.17
C SER C 257 4.11 29.99 -0.60
N GLY C 258 3.11 29.46 -1.32
CA GLY C 258 1.99 30.28 -1.76
C GLY C 258 2.36 30.92 -3.09
N PRO C 259 1.51 31.78 -3.67
CA PRO C 259 0.22 32.16 -3.08
C PRO C 259 -0.94 31.20 -3.34
N SER C 260 -0.75 30.16 -4.14
CA SER C 260 -1.84 29.22 -4.42
C SER C 260 -2.38 28.59 -3.12
N ILE C 261 -3.67 28.28 -3.12
CA ILE C 261 -4.37 27.68 -1.99
C ILE C 261 -4.80 26.26 -2.37
N ILE C 262 -4.60 25.31 -1.47
CA ILE C 262 -5.04 23.95 -1.79
C ILE C 262 -6.14 23.53 -0.82
N ALA C 263 -7.27 23.06 -1.35
CA ALA C 263 -8.37 22.62 -0.48
C ALA C 263 -8.76 21.18 -0.79
N PHE C 264 -9.27 20.48 0.22
CA PHE C 264 -9.71 19.11 0.07
C PHE C 264 -11.21 19.15 0.38
N PRO C 265 -12.05 19.48 -0.62
CA PRO C 265 -13.49 19.54 -0.38
C PRO C 265 -14.17 18.21 -0.03
N LYS C 266 -15.17 18.27 0.84
CA LYS C 266 -15.93 17.05 1.15
C LYS C 266 -16.68 16.66 -0.16
N GLU C 267 -16.89 15.37 -0.37
CA GLU C 267 -17.57 14.88 -1.58
C GLU C 267 -18.90 15.60 -1.85
N GLU C 268 -19.68 15.77 -0.79
CA GLU C 268 -20.97 16.40 -0.90
C GLU C 268 -20.98 17.88 -1.26
N PHE C 269 -19.84 18.58 -1.16
CA PHE C 269 -19.81 20.01 -1.46
C PHE C 269 -18.78 20.44 -2.50
N ILE C 270 -18.24 19.51 -3.26
CA ILE C 270 -17.19 19.90 -4.18
C ILE C 270 -17.55 21.01 -5.17
N ASP C 271 -18.80 21.02 -5.67
CA ASP C 271 -19.20 22.04 -6.62
C ASP C 271 -19.26 23.38 -5.94
N GLU C 272 -19.84 23.40 -4.75
CA GLU C 272 -19.97 24.64 -4.01
C GLU C 272 -18.64 25.26 -3.58
N VAL C 273 -17.69 24.42 -3.19
CA VAL C 273 -16.41 24.97 -2.75
C VAL C 273 -15.68 25.48 -3.97
N GLU C 274 -15.84 24.76 -5.08
CA GLU C 274 -15.18 25.20 -6.29
C GLU C 274 -15.78 26.55 -6.72
N ASN C 275 -17.10 26.72 -6.58
CA ASN C 275 -17.70 28.01 -6.98
C ASN C 275 -17.27 29.11 -6.03
N ILE C 276 -17.26 28.82 -4.72
CA ILE C 276 -16.81 29.83 -3.77
C ILE C 276 -15.36 30.24 -4.11
N LEU C 277 -14.49 29.27 -4.42
CA LEU C 277 -13.10 29.60 -4.74
C LEU C 277 -13.03 30.43 -6.01
N ARG C 278 -13.85 30.07 -7.00
CA ARG C 278 -13.89 30.83 -8.25
C ARG C 278 -14.34 32.26 -8.08
N ASP C 279 -15.20 32.54 -7.10
CA ASP C 279 -15.62 33.93 -6.85
C ASP C 279 -14.41 34.79 -6.53
N TYR C 280 -13.43 34.19 -5.86
CA TYR C 280 -12.23 34.92 -5.47
C TYR C 280 -11.09 34.80 -6.45
N TYR C 281 -10.98 33.64 -7.09
CA TYR C 281 -9.88 33.42 -8.04
C TYR C 281 -10.32 32.63 -9.27
N GLU C 282 -10.33 33.33 -10.40
CA GLU C 282 -10.72 32.77 -11.68
C GLU C 282 -9.94 31.52 -12.06
N ASN C 283 -8.66 31.52 -11.75
CA ASN C 283 -7.79 30.40 -12.06
C ASN C 283 -7.90 29.32 -10.99
N THR C 284 -9.02 28.59 -11.00
CA THR C 284 -9.26 27.53 -10.05
C THR C 284 -9.37 26.20 -10.78
N ILE C 285 -8.65 25.21 -10.26
CA ILE C 285 -8.56 23.89 -10.87
C ILE C 285 -9.05 22.77 -9.95
N ARG C 286 -9.78 21.84 -10.53
CA ARG C 286 -10.27 20.70 -9.77
C ARG C 286 -9.36 19.54 -10.19
N THR C 287 -8.79 18.84 -9.23
CA THR C 287 -7.90 17.76 -9.59
C THR C 287 -7.97 16.73 -8.51
N GLU C 288 -6.94 15.89 -8.42
CA GLU C 288 -6.92 14.82 -7.41
C GLU C 288 -5.47 14.45 -7.20
N VAL C 289 -5.21 13.49 -6.30
CA VAL C 289 -3.82 13.08 -6.07
C VAL C 289 -3.29 12.40 -7.34
N GLY C 290 -2.06 12.75 -7.77
CA GLY C 290 -1.48 12.14 -8.96
C GLY C 290 -0.53 10.97 -8.64
N LYS C 291 -0.06 10.28 -9.68
CA LYS C 291 0.82 9.12 -9.52
C LYS C 291 2.27 9.40 -9.86
N GLY C 292 2.61 10.66 -10.16
CA GLY C 292 3.99 11.00 -10.46
C GLY C 292 4.36 11.10 -11.93
N VAL C 293 5.61 11.42 -12.25
CA VAL C 293 5.98 11.53 -13.66
C VAL C 293 5.69 10.19 -14.36
N GLU C 294 5.24 10.26 -15.60
CA GLU C 294 4.95 9.05 -16.37
C GLU C 294 5.17 9.34 -17.85
N VAL C 295 5.50 8.30 -18.59
CA VAL C 295 5.73 8.37 -20.03
C VAL C 295 4.39 8.64 -20.72
N VAL C 296 4.37 9.61 -21.64
CA VAL C 296 3.13 9.88 -22.36
C VAL C 296 3.23 9.35 -23.79
N MET D 1 -15.94 -7.60 46.50
CA MET D 1 -16.07 -6.55 45.50
C MET D 1 -14.85 -5.61 45.52
N LYS D 2 -13.78 -6.09 44.91
CA LYS D 2 -12.55 -5.34 44.80
C LYS D 2 -11.92 -5.69 43.46
N VAL D 3 -11.08 -4.80 42.93
CA VAL D 3 -10.43 -5.06 41.65
C VAL D 3 -8.92 -4.93 41.81
N ARG D 4 -8.21 -5.81 41.14
CA ARG D 4 -6.76 -5.86 41.18
C ARG D 4 -6.19 -5.73 39.76
N VAL D 5 -5.29 -4.78 39.57
CA VAL D 5 -4.67 -4.55 38.26
C VAL D 5 -3.15 -4.40 38.25
N LYS D 6 -2.58 -4.61 37.06
CA LYS D 6 -1.16 -4.45 36.77
C LYS D 6 -1.14 -3.15 35.96
N ALA D 7 -0.43 -2.13 36.44
CA ALA D 7 -0.36 -0.83 35.75
C ALA D 7 1.12 -0.68 35.34
N PRO D 8 1.41 -0.81 34.04
CA PRO D 8 2.77 -0.72 33.53
C PRO D 8 3.53 0.58 33.49
N CYS D 9 4.85 0.43 33.58
CA CYS D 9 5.74 1.54 33.42
C CYS D 9 5.67 1.92 31.95
N THR D 10 6.08 3.14 31.63
CA THR D 10 6.04 3.60 30.25
C THR D 10 7.29 4.47 29.93
N SER D 11 7.62 4.57 28.65
CA SER D 11 8.77 5.38 28.24
C SER D 11 8.29 6.48 27.33
N ALA D 12 8.34 7.72 27.81
CA ALA D 12 7.87 8.84 27.01
C ALA D 12 9.02 9.59 26.31
N ASN D 13 8.68 10.35 25.28
CA ASN D 13 9.57 11.18 24.44
C ASN D 13 10.18 10.40 23.31
N LEU D 14 10.96 9.38 23.61
CA LEU D 14 11.57 8.61 22.55
C LEU D 14 12.31 9.51 21.54
N GLY D 15 13.13 10.38 22.08
CA GLY D 15 13.95 11.24 21.26
C GLY D 15 13.26 12.39 20.56
N VAL D 16 12.84 12.19 19.32
CA VAL D 16 12.19 13.28 18.60
C VAL D 16 10.69 13.41 18.89
N GLY D 17 10.14 12.55 19.74
CA GLY D 17 8.71 12.66 20.05
C GLY D 17 8.42 13.33 21.39
N PHE D 18 9.32 14.19 21.82
CA PHE D 18 9.16 14.90 23.08
C PHE D 18 7.76 15.47 23.32
N ASP D 19 7.16 15.09 24.45
CA ASP D 19 5.81 15.53 24.83
C ASP D 19 4.71 15.00 23.87
N VAL D 20 5.07 14.04 23.03
CA VAL D 20 4.08 13.45 22.11
C VAL D 20 4.05 11.93 22.22
N PHE D 21 5.19 11.30 21.92
CA PHE D 21 5.29 9.83 21.90
C PHE D 21 5.35 9.19 23.25
N GLY D 22 4.86 7.95 23.31
CA GLY D 22 4.89 7.16 24.52
C GLY D 22 4.91 5.69 24.12
N LEU D 23 5.62 4.88 24.88
CA LEU D 23 5.67 3.46 24.55
C LEU D 23 5.38 2.71 25.83
N CYS D 24 4.44 1.78 25.76
CA CYS D 24 4.08 1.03 26.94
C CYS D 24 4.99 -0.16 27.15
N LEU D 25 5.49 -0.34 28.36
CA LEU D 25 6.36 -1.47 28.68
C LEU D 25 5.53 -2.62 29.28
N LYS D 26 6.01 -3.84 29.15
CA LYS D 26 5.32 -4.97 29.76
C LYS D 26 5.78 -5.03 31.25
N GLU D 27 7.08 -4.80 31.48
CA GLU D 27 7.65 -4.77 32.84
C GLU D 27 8.57 -3.55 32.91
N PRO D 28 8.71 -2.90 34.10
CA PRO D 28 8.07 -3.17 35.39
C PRO D 28 6.65 -2.62 35.44
N TYR D 29 5.92 -2.96 36.50
CA TYR D 29 4.55 -2.47 36.65
C TYR D 29 4.13 -2.43 38.10
N ASP D 30 3.15 -1.59 38.40
CA ASP D 30 2.61 -1.51 39.77
C ASP D 30 1.52 -2.58 39.84
N VAL D 31 1.20 -3.04 41.04
CA VAL D 31 0.07 -3.96 41.26
C VAL D 31 -0.81 -3.11 42.20
N ILE D 32 -1.98 -2.75 41.71
CA ILE D 32 -2.90 -1.89 42.45
C ILE D 32 -4.25 -2.55 42.79
N GLU D 33 -4.60 -2.56 44.06
CA GLU D 33 -5.87 -3.14 44.46
C GLU D 33 -6.78 -2.04 44.93
N VAL D 34 -7.99 -2.03 44.39
CA VAL D 34 -8.98 -1.05 44.75
C VAL D 34 -10.19 -1.81 45.26
N GLU D 35 -10.74 -1.33 46.37
CA GLU D 35 -11.90 -1.96 47.00
C GLU D 35 -12.79 -0.88 47.63
N ALA D 36 -14.08 -0.94 47.33
CA ALA D 36 -15.02 0.04 47.85
C ALA D 36 -15.27 -0.18 49.34
N ILE D 37 -15.33 0.94 50.07
CA ILE D 37 -15.60 0.88 51.50
C ILE D 37 -16.78 1.81 51.78
N ASP D 38 -17.63 1.38 52.70
CA ASP D 38 -18.82 2.15 53.06
C ASP D 38 -18.45 3.57 53.48
N ASP D 39 -17.36 3.70 54.22
CA ASP D 39 -16.91 5.01 54.68
C ASP D 39 -16.38 5.82 53.49
N LYS D 40 -16.93 7.01 53.31
CA LYS D 40 -16.56 7.89 52.21
C LYS D 40 -15.15 8.46 52.16
N GLU D 41 -14.20 7.83 52.86
CA GLU D 41 -12.83 8.31 52.82
C GLU D 41 -11.98 7.45 51.87
N ILE D 42 -10.80 7.94 51.50
CA ILE D 42 -9.90 7.18 50.62
C ILE D 42 -8.70 6.72 51.43
N ILE D 43 -8.50 5.41 51.55
CA ILE D 43 -7.37 4.91 52.30
C ILE D 43 -6.33 4.36 51.34
N ILE D 44 -5.08 4.71 51.57
CA ILE D 44 -3.99 4.27 50.70
C ILE D 44 -2.83 3.57 51.41
N GLU D 45 -2.34 2.48 50.81
CA GLU D 45 -1.19 1.76 51.34
C GLU D 45 -0.22 1.53 50.18
N VAL D 46 1.03 1.96 50.36
CA VAL D 46 2.10 1.85 49.35
C VAL D 46 3.33 1.20 49.96
N ASP D 47 3.84 0.14 49.31
CA ASP D 47 5.01 -0.56 49.82
C ASP D 47 6.34 0.22 49.69
N ASP D 48 6.26 1.53 49.51
CA ASP D 48 7.46 2.36 49.40
C ASP D 48 7.18 3.61 50.23
N LYS D 49 7.82 3.73 51.40
CA LYS D 49 7.55 4.90 52.24
C LYS D 49 8.16 6.16 51.67
N ASN D 50 8.74 6.06 50.49
CA ASN D 50 9.29 7.25 49.89
C ASN D 50 8.12 7.91 49.15
N ILE D 51 6.96 7.24 49.19
CA ILE D 51 5.74 7.74 48.55
C ILE D 51 4.63 8.01 49.57
N PRO D 52 3.98 9.18 49.46
CA PRO D 52 2.90 9.54 50.38
C PRO D 52 1.83 8.47 50.53
N THR D 53 0.92 8.72 51.47
CA THR D 53 -0.18 7.80 51.76
C THR D 53 -1.41 8.67 51.96
N ASP D 54 -1.19 9.99 51.98
CA ASP D 54 -2.23 11.01 52.12
C ASP D 54 -2.97 11.00 50.77
N PRO D 55 -4.26 10.58 50.76
CA PRO D 55 -5.03 10.54 49.52
C PRO D 55 -5.02 11.81 48.68
N ASP D 56 -4.59 12.91 49.28
CA ASP D 56 -4.52 14.20 48.58
C ASP D 56 -3.13 14.41 48.00
N LYS D 57 -2.22 13.50 48.33
CA LYS D 57 -0.85 13.60 47.84
C LYS D 57 -0.49 12.41 46.95
N ASN D 58 -0.95 11.21 47.30
CA ASN D 58 -0.65 10.06 46.46
C ASN D 58 -1.53 10.21 45.22
N VAL D 59 -0.95 10.12 44.03
CA VAL D 59 -1.72 10.28 42.79
C VAL D 59 -2.93 9.38 42.69
N ALA D 60 -2.88 8.20 43.28
CA ALA D 60 -4.01 7.27 43.21
C ALA D 60 -5.19 7.91 43.94
N GLY D 61 -4.90 8.62 45.04
CA GLY D 61 -5.92 9.28 45.80
C GLY D 61 -6.47 10.48 45.05
N ILE D 62 -5.59 11.24 44.42
CA ILE D 62 -6.07 12.39 43.68
C ILE D 62 -7.01 11.97 42.55
N VAL D 63 -6.60 10.93 41.81
CA VAL D 63 -7.42 10.42 40.72
C VAL D 63 -8.76 9.82 41.25
N ALA D 64 -8.70 8.90 42.21
CA ALA D 64 -9.91 8.29 42.76
C ALA D 64 -10.92 9.35 43.20
N LYS D 65 -10.48 10.27 44.04
CA LYS D 65 -11.34 11.35 44.52
C LYS D 65 -12.04 12.04 43.35
N LYS D 66 -11.24 12.56 42.42
CA LYS D 66 -11.76 13.25 41.25
C LYS D 66 -12.87 12.47 40.55
N MET D 67 -12.68 11.16 40.40
CA MET D 67 -13.65 10.31 39.73
C MET D 67 -14.93 10.05 40.55
N ILE D 68 -14.77 9.77 41.84
CA ILE D 68 -15.91 9.52 42.72
C ILE D 68 -16.82 10.75 42.79
N ASP D 69 -16.24 11.92 42.95
CA ASP D 69 -17.01 13.14 42.99
C ASP D 69 -17.77 13.31 41.68
N ASP D 70 -17.05 13.22 40.56
CA ASP D 70 -17.64 13.36 39.24
C ASP D 70 -18.85 12.46 38.98
N PHE D 71 -18.78 11.20 39.41
CA PHE D 71 -19.89 10.28 39.19
C PHE D 71 -20.75 10.09 40.43
N ASN D 72 -20.68 11.06 41.33
CA ASN D 72 -21.43 11.03 42.58
C ASN D 72 -21.58 9.62 43.11
N ILE D 73 -20.44 9.00 43.36
CA ILE D 73 -20.35 7.65 43.89
C ILE D 73 -20.38 7.84 45.40
N GLY D 74 -21.27 7.13 46.08
CA GLY D 74 -21.38 7.29 47.52
C GLY D 74 -20.34 6.57 48.35
N LYS D 75 -19.52 5.74 47.69
CA LYS D 75 -18.51 4.98 48.41
C LYS D 75 -17.18 5.70 48.56
N GLY D 76 -16.30 5.02 49.27
CA GLY D 76 -14.95 5.49 49.50
C GLY D 76 -14.14 4.28 49.02
N VAL D 77 -12.81 4.39 49.00
CA VAL D 77 -12.02 3.27 48.54
C VAL D 77 -10.72 3.10 49.30
N LYS D 78 -10.26 1.85 49.37
CA LYS D 78 -9.00 1.56 50.01
C LYS D 78 -8.15 1.06 48.84
N ILE D 79 -7.01 1.71 48.66
CA ILE D 79 -6.11 1.38 47.56
C ILE D 79 -4.79 0.83 48.09
N THR D 80 -4.43 -0.36 47.64
CA THR D 80 -3.19 -1.02 48.04
C THR D 80 -2.21 -1.01 46.87
N ILE D 81 -1.11 -0.29 47.01
CA ILE D 81 -0.12 -0.18 45.93
C ILE D 81 1.24 -0.86 46.13
N LYS D 82 1.55 -1.78 45.23
CA LYS D 82 2.86 -2.43 45.24
C LYS D 82 3.62 -1.80 44.05
N LYS D 83 4.64 -1.00 44.33
CA LYS D 83 5.39 -0.30 43.27
C LYS D 83 6.32 -1.09 42.36
N GLY D 84 6.22 -0.82 41.06
CA GLY D 84 7.08 -1.51 40.10
C GLY D 84 8.48 -0.91 40.12
N VAL D 85 8.56 0.42 40.14
CA VAL D 85 9.85 1.14 40.23
C VAL D 85 9.61 2.45 40.95
N LYS D 86 10.72 3.02 41.41
CA LYS D 86 10.76 4.29 42.12
C LYS D 86 10.38 5.47 41.22
N ALA D 87 9.89 6.55 41.83
CA ALA D 87 9.57 7.76 41.09
C ALA D 87 10.92 8.41 40.75
N GLY D 88 10.93 9.34 39.80
CA GLY D 88 12.18 10.00 39.44
C GLY D 88 13.17 9.13 38.66
N SER D 89 12.69 8.06 38.03
CA SER D 89 13.55 7.17 37.24
C SER D 89 13.33 7.34 35.70
N GLY D 90 12.29 8.10 35.32
CA GLY D 90 12.00 8.33 33.92
C GLY D 90 11.18 7.20 33.30
N LEU D 91 10.60 6.35 34.16
CA LEU D 91 9.81 5.20 33.70
C LEU D 91 8.28 5.30 33.97
N GLY D 92 7.78 6.51 34.19
CA GLY D 92 6.35 6.68 34.45
C GLY D 92 5.80 5.98 35.69
N SER D 93 6.54 6.06 36.80
CA SER D 93 6.15 5.44 38.06
C SER D 93 4.80 5.99 38.55
N SER D 94 4.71 7.29 38.76
CA SER D 94 3.48 7.91 39.23
C SER D 94 2.39 7.74 38.19
N ALA D 95 2.76 7.88 36.92
CA ALA D 95 1.81 7.69 35.85
C ALA D 95 1.14 6.30 35.92
N ALA D 96 1.92 5.28 36.27
CA ALA D 96 1.41 3.92 36.35
C ALA D 96 0.34 3.82 37.45
N SER D 97 0.58 4.49 38.58
CA SER D 97 -0.39 4.49 39.67
C SER D 97 -1.63 5.28 39.25
N SER D 98 -1.44 6.44 38.61
CA SER D 98 -2.56 7.25 38.17
C SER D 98 -3.41 6.53 37.14
N ALA D 99 -2.76 5.91 36.15
CA ALA D 99 -3.48 5.19 35.10
C ALA D 99 -4.15 3.93 35.65
N GLY D 100 -3.39 3.20 36.48
CA GLY D 100 -3.90 1.98 37.07
C GLY D 100 -5.14 2.27 37.90
N THR D 101 -5.10 3.37 38.67
CA THR D 101 -6.21 3.75 39.51
C THR D 101 -7.45 4.17 38.73
N ALA D 102 -7.26 5.01 37.71
CA ALA D 102 -8.40 5.46 36.91
C ALA D 102 -9.08 4.25 36.30
N TYR D 103 -8.27 3.33 35.81
CA TYR D 103 -8.78 2.12 35.21
C TYR D 103 -9.53 1.25 36.26
N ALA D 104 -8.94 1.11 37.45
CA ALA D 104 -9.52 0.28 38.51
C ALA D 104 -10.89 0.82 38.92
N ILE D 105 -10.96 2.12 39.17
CA ILE D 105 -12.20 2.76 39.55
C ILE D 105 -13.30 2.49 38.49
N ASN D 106 -12.97 2.69 37.21
CA ASN D 106 -13.89 2.48 36.08
C ASN D 106 -14.44 1.04 36.12
N GLU D 107 -13.57 0.07 36.42
CA GLU D 107 -13.99 -1.32 36.49
C GLU D 107 -14.84 -1.58 37.73
N LEU D 108 -14.40 -1.06 38.87
CA LEU D 108 -15.09 -1.28 40.11
C LEU D 108 -16.50 -0.74 40.12
N PHE D 109 -16.65 0.55 39.80
CA PHE D 109 -17.93 1.19 39.77
C PHE D 109 -18.66 1.17 38.45
N LYS D 110 -18.14 0.43 37.47
CA LYS D 110 -18.77 0.30 36.15
C LYS D 110 -19.14 1.62 35.48
N LEU D 111 -18.17 2.53 35.34
CA LEU D 111 -18.42 3.84 34.74
C LEU D 111 -18.46 3.87 33.20
N ASN D 112 -18.14 2.75 32.57
CA ASN D 112 -18.12 2.67 31.11
C ASN D 112 -17.29 3.80 30.42
N LEU D 113 -16.15 4.17 31.01
CA LEU D 113 -15.35 5.20 30.37
C LEU D 113 -14.50 4.62 29.25
N ASP D 114 -14.39 5.32 28.12
CA ASP D 114 -13.55 4.81 27.04
C ASP D 114 -12.07 5.10 27.43
N LYS D 115 -11.12 4.53 26.70
CA LYS D 115 -9.72 4.72 27.03
C LYS D 115 -9.27 6.19 27.12
N LEU D 116 -9.76 7.01 26.20
CA LEU D 116 -9.40 8.42 26.19
C LEU D 116 -9.82 9.09 27.49
N LYS D 117 -11.02 8.77 27.98
CA LYS D 117 -11.49 9.38 29.23
C LYS D 117 -10.65 8.88 30.40
N LEU D 118 -10.23 7.61 30.37
CA LEU D 118 -9.36 7.09 31.43
C LEU D 118 -8.04 7.87 31.46
N VAL D 119 -7.47 8.14 30.26
CA VAL D 119 -6.22 8.89 30.13
C VAL D 119 -6.47 10.27 30.69
N ASP D 120 -7.58 10.88 30.27
CA ASP D 120 -7.89 12.22 30.77
C ASP D 120 -7.91 12.25 32.31
N TYR D 121 -8.68 11.37 32.95
CA TYR D 121 -8.71 11.35 34.42
C TYR D 121 -7.35 11.03 35.02
N ALA D 122 -6.69 10.03 34.47
CA ALA D 122 -5.38 9.68 34.98
C ALA D 122 -4.45 10.89 34.91
N SER D 123 -4.64 11.76 33.93
CA SER D 123 -3.74 12.90 33.85
C SER D 123 -3.88 13.94 34.99
N TYR D 124 -4.99 13.88 35.74
CA TYR D 124 -5.14 14.79 36.88
C TYR D 124 -4.09 14.46 37.93
N GLY D 125 -3.68 13.19 37.99
CA GLY D 125 -2.66 12.80 38.94
C GLY D 125 -1.26 13.24 38.50
N GLU D 126 -1.11 13.61 37.24
CA GLU D 126 0.18 14.05 36.72
C GLU D 126 0.37 15.53 36.96
N LEU D 127 -0.73 16.21 37.22
CA LEU D 127 -0.72 17.64 37.46
C LEU D 127 -0.09 18.05 38.79
N ALA D 128 -0.57 17.44 39.88
CA ALA D 128 -0.08 17.75 41.22
C ALA D 128 1.45 17.73 41.29
N SER D 129 2.00 16.57 40.96
CA SER D 129 3.43 16.35 41.00
C SER D 129 4.22 16.84 39.80
N SER D 130 3.56 17.49 38.84
CA SER D 130 4.28 17.97 37.67
C SER D 130 3.86 19.35 37.23
N GLY D 131 2.81 19.88 37.84
CA GLY D 131 2.34 21.20 37.47
C GLY D 131 1.78 21.33 36.06
N ALA D 132 0.94 20.38 35.64
CA ALA D 132 0.29 20.38 34.31
C ALA D 132 -0.30 18.99 34.00
N LYS D 133 -1.41 18.96 33.27
CA LYS D 133 -2.00 17.66 32.95
C LYS D 133 -1.38 16.92 31.78
N HIS D 134 -0.11 16.56 31.92
CA HIS D 134 0.60 15.82 30.87
C HIS D 134 -0.04 14.45 30.69
N ALA D 135 -0.25 14.09 29.42
CA ALA D 135 -0.86 12.81 29.09
C ALA D 135 0.04 11.79 28.39
N ASP D 136 1.29 12.16 28.10
CA ASP D 136 2.15 11.25 27.35
C ASP D 136 2.68 9.98 28.00
N ASN D 137 2.58 9.87 29.33
CA ASN D 137 2.93 8.64 30.02
C ASN D 137 1.62 7.87 30.34
N VAL D 138 0.57 8.56 30.82
CA VAL D 138 -0.68 7.82 31.11
C VAL D 138 -1.35 7.28 29.83
N ALA D 139 -1.16 7.96 28.71
CA ALA D 139 -1.74 7.48 27.44
C ALA D 139 -1.25 6.06 27.11
N PRO D 140 0.08 5.85 27.00
CA PRO D 140 0.52 4.48 26.68
C PRO D 140 0.20 3.48 27.83
N ALA D 141 0.20 3.95 29.07
CA ALA D 141 -0.12 3.08 30.20
C ALA D 141 -1.57 2.52 30.03
N ILE D 142 -2.49 3.35 29.55
CA ILE D 142 -3.86 2.88 29.34
C ILE D 142 -4.02 2.09 28.03
N PHE D 143 -3.60 2.70 26.91
CA PHE D 143 -3.74 2.07 25.60
C PHE D 143 -2.83 0.91 25.24
N GLY D 144 -1.66 0.81 25.88
CA GLY D 144 -0.71 -0.24 25.53
C GLY D 144 -0.01 0.22 24.23
N GLY D 145 0.96 -0.55 23.73
CA GLY D 145 1.65 -0.20 22.49
C GLY D 145 2.26 1.20 22.44
N PHE D 146 2.12 1.85 21.29
CA PHE D 146 2.68 3.19 21.05
C PHE D 146 1.55 4.23 20.91
N THR D 147 1.72 5.37 21.55
CA THR D 147 0.72 6.42 21.50
C THR D 147 1.33 7.76 21.19
N MET D 148 0.51 8.66 20.67
CA MET D 148 0.88 10.01 20.36
C MET D 148 -0.21 10.90 20.92
N VAL D 149 0.16 11.81 21.81
CA VAL D 149 -0.78 12.77 22.37
C VAL D 149 -0.64 13.89 21.37
N THR D 150 -1.69 14.10 20.59
CA THR D 150 -1.68 15.08 19.54
C THR D 150 -2.44 16.38 19.80
N ASN D 151 -3.04 16.50 20.98
CA ASN D 151 -3.79 17.69 21.32
C ASN D 151 -4.24 17.67 22.80
N TYR D 152 -4.32 18.85 23.42
CA TYR D 152 -4.75 18.92 24.79
C TYR D 152 -6.09 19.52 25.18
N GLU D 153 -6.44 20.71 24.73
CA GLU D 153 -7.68 21.21 25.26
C GLU D 153 -8.65 21.36 24.12
N PRO D 154 -9.32 20.27 23.64
CA PRO D 154 -9.49 18.80 23.86
C PRO D 154 -8.28 17.85 23.78
N LEU D 155 -8.24 16.88 24.70
CA LEU D 155 -7.19 15.85 24.73
C LEU D 155 -7.42 14.87 23.57
N GLU D 156 -6.40 14.55 22.76
CA GLU D 156 -6.58 13.56 21.69
C GLU D 156 -5.38 12.62 21.71
N VAL D 157 -5.63 11.32 21.63
CA VAL D 157 -4.58 10.35 21.66
C VAL D 157 -4.75 9.40 20.50
N LEU D 158 -3.68 9.22 19.73
CA LEU D 158 -3.70 8.30 18.62
C LEU D 158 -2.88 7.13 19.07
N HIS D 159 -3.40 5.92 18.84
CA HIS D 159 -2.76 4.69 19.26
C HIS D 159 -2.37 3.77 18.12
N ILE D 160 -1.14 3.24 18.18
CA ILE D 160 -0.64 2.32 17.15
C ILE D 160 -0.18 1.08 17.89
N PRO D 161 -0.92 -0.03 17.73
CA PRO D 161 -0.60 -1.30 18.37
C PRO D 161 0.75 -1.79 17.81
N ILE D 162 1.53 -2.50 18.61
CA ILE D 162 2.78 -3.05 18.13
C ILE D 162 2.49 -4.57 18.22
N ASP D 163 2.23 -5.16 17.06
CA ASP D 163 1.90 -6.58 17.00
C ASP D 163 3.08 -7.48 16.59
N PHE D 164 4.24 -6.86 16.36
CA PHE D 164 5.45 -7.60 16.06
C PHE D 164 6.25 -7.50 17.38
N LYS D 165 7.16 -8.42 17.63
CA LYS D 165 7.89 -8.33 18.87
C LYS D 165 9.06 -7.37 18.76
N LEU D 166 9.14 -6.50 19.74
CA LEU D 166 10.17 -5.49 19.80
C LEU D 166 10.86 -5.69 21.16
N ASP D 167 12.09 -6.22 21.16
CA ASP D 167 12.80 -6.46 22.41
C ASP D 167 13.21 -5.12 23.02
N ILE D 168 13.02 -4.99 24.32
CA ILE D 168 13.38 -3.77 25.00
C ILE D 168 14.30 -4.04 26.20
N LEU D 169 15.36 -3.25 26.31
CA LEU D 169 16.26 -3.34 27.45
C LEU D 169 16.19 -2.01 28.15
N ILE D 170 15.98 -2.06 29.47
CA ILE D 170 15.94 -0.84 30.27
C ILE D 170 17.11 -0.83 31.26
N ALA D 171 17.85 0.29 31.34
CA ALA D 171 18.92 0.42 32.36
C ALA D 171 18.39 1.45 33.34
N ILE D 172 18.48 1.16 34.62
CA ILE D 172 17.97 2.04 35.68
C ILE D 172 19.10 2.41 36.65
N PRO D 173 19.75 3.56 36.41
CA PRO D 173 20.85 3.97 37.28
C PRO D 173 20.38 4.16 38.72
N ASN D 174 21.27 3.94 39.67
CA ASN D 174 20.92 4.15 41.07
C ASN D 174 21.00 5.62 41.47
N ILE D 175 20.39 6.50 40.68
CA ILE D 175 20.31 7.94 40.98
C ILE D 175 18.93 8.35 40.52
N SER D 176 18.45 9.52 40.95
CA SER D 176 17.13 10.00 40.54
C SER D 176 17.25 11.40 39.98
N ILE D 177 16.25 11.77 39.18
CA ILE D 177 16.21 13.08 38.55
C ILE D 177 14.85 13.72 38.84
N ASN D 178 14.89 15.00 39.23
CA ASN D 178 13.71 15.78 39.54
C ASN D 178 13.01 16.16 38.24
N THR D 179 11.79 15.66 38.07
CA THR D 179 11.05 15.95 36.86
C THR D 179 10.82 17.44 36.52
N LYS D 180 10.57 18.30 37.52
CA LYS D 180 10.34 19.72 37.21
C LYS D 180 11.61 20.41 36.76
N GLU D 181 12.75 20.00 37.32
CA GLU D 181 14.01 20.58 36.93
C GLU D 181 14.36 20.10 35.53
N ALA D 182 14.03 18.85 35.23
CA ALA D 182 14.31 18.28 33.92
C ALA D 182 13.56 19.07 32.84
N ARG D 183 12.51 19.76 33.25
CA ARG D 183 11.70 20.58 32.36
C ARG D 183 12.29 22.00 32.20
N GLU D 184 12.60 22.65 33.33
CA GLU D 184 13.14 24.02 33.32
C GLU D 184 14.43 24.19 32.53
N ILE D 185 15.28 23.16 32.53
CA ILE D 185 16.55 23.16 31.80
C ILE D 185 16.36 23.13 30.27
N LEU D 186 15.17 22.75 29.81
CA LEU D 186 14.91 22.68 28.36
C LEU D 186 14.89 24.06 27.70
N PRO D 187 15.41 24.16 26.48
CA PRO D 187 15.41 25.47 25.82
C PRO D 187 13.98 26.00 25.65
N LYS D 188 13.84 27.32 25.64
CA LYS D 188 12.53 27.96 25.50
C LYS D 188 12.11 28.06 24.03
N ALA D 189 13.12 28.17 23.16
CA ALA D 189 12.91 28.27 21.73
C ALA D 189 13.92 27.35 21.06
N VAL D 190 13.57 26.94 19.85
CA VAL D 190 14.40 26.04 19.07
C VAL D 190 14.49 26.64 17.67
N GLY D 191 15.54 26.32 16.94
CA GLY D 191 15.65 26.88 15.61
C GLY D 191 14.72 26.20 14.60
N LEU D 192 14.49 26.90 13.51
CA LEU D 192 13.64 26.40 12.44
C LEU D 192 14.11 25.05 11.96
N LYS D 193 15.41 24.90 11.73
CA LYS D 193 15.94 23.64 11.24
C LYS D 193 15.66 22.48 12.18
N ASP D 194 15.56 22.75 13.47
CA ASP D 194 15.30 21.70 14.42
C ASP D 194 13.82 21.33 14.38
N LEU D 195 12.96 22.28 14.05
CA LEU D 195 11.53 21.98 13.94
C LEU D 195 11.38 21.03 12.73
N VAL D 196 12.11 21.35 11.67
CA VAL D 196 12.06 20.58 10.44
C VAL D 196 12.59 19.18 10.65
N ASN D 197 13.74 19.09 11.34
CA ASN D 197 14.36 17.79 11.59
C ASN D 197 13.48 16.91 12.47
N ASN D 198 12.96 17.47 13.55
CA ASN D 198 12.16 16.64 14.45
C ASN D 198 10.81 16.26 13.85
N VAL D 199 10.18 17.15 13.09
CA VAL D 199 8.92 16.76 12.48
C VAL D 199 9.18 15.61 11.49
N GLY D 200 10.19 15.77 10.63
CA GLY D 200 10.49 14.71 9.67
C GLY D 200 10.85 13.38 10.31
N LYS D 201 11.69 13.38 11.35
CA LYS D 201 12.09 12.11 11.96
C LYS D 201 10.96 11.50 12.79
N ALA D 202 10.19 12.33 13.50
CA ALA D 202 9.07 11.77 14.26
C ALA D 202 8.10 11.12 13.26
N CYS D 203 7.78 11.82 12.15
CA CYS D 203 6.87 11.24 11.15
C CYS D 203 7.45 9.95 10.55
N GLY D 204 8.77 9.93 10.34
CA GLY D 204 9.45 8.76 9.83
C GLY D 204 9.29 7.61 10.82
N MET D 205 9.31 7.92 12.11
CA MET D 205 9.12 6.84 13.11
C MET D 205 7.70 6.25 13.02
N VAL D 206 6.70 7.11 12.80
CA VAL D 206 5.35 6.59 12.64
C VAL D 206 5.28 5.70 11.39
N TYR D 207 5.91 6.12 10.30
CA TYR D 207 5.93 5.33 9.05
C TYR D 207 6.62 4.01 9.39
N ALA D 208 7.70 4.09 10.18
CA ALA D 208 8.44 2.89 10.53
C ALA D 208 7.59 1.88 11.25
N LEU D 209 6.74 2.34 12.18
CA LEU D 209 5.90 1.37 12.90
C LEU D 209 4.93 0.68 11.96
N TYR D 210 4.32 1.43 11.05
CA TYR D 210 3.37 0.85 10.09
C TYR D 210 4.05 -0.11 9.10
N ASN D 211 5.34 0.09 8.90
CA ASN D 211 6.10 -0.77 8.00
C ASN D 211 6.91 -1.78 8.78
N LYS D 212 6.69 -1.83 10.09
CA LYS D 212 7.41 -2.75 10.98
C LYS D 212 8.90 -2.74 10.70
N ASP D 213 9.49 -1.55 10.62
CA ASP D 213 10.91 -1.35 10.34
C ASP D 213 11.59 -0.82 11.62
N LYS D 214 12.12 -1.74 12.41
CA LYS D 214 12.76 -1.45 13.68
C LYS D 214 14.03 -0.66 13.47
N SER D 215 14.71 -0.95 12.38
CA SER D 215 15.92 -0.22 12.10
C SER D 215 15.66 1.25 11.83
N LEU D 216 14.61 1.53 11.05
CA LEU D 216 14.30 2.90 10.71
C LEU D 216 13.80 3.63 11.96
N PHE D 217 12.94 2.96 12.71
CA PHE D 217 12.39 3.52 13.92
C PHE D 217 13.48 3.93 14.93
N GLY D 218 14.39 3.01 15.21
CA GLY D 218 15.42 3.31 16.19
C GLY D 218 16.39 4.38 15.78
N ARG D 219 16.73 4.38 14.49
CA ARG D 219 17.68 5.35 13.96
C ARG D 219 17.08 6.75 14.06
N TYR D 220 15.84 6.91 13.62
CA TYR D 220 15.26 8.24 13.71
C TYR D 220 15.09 8.69 15.17
N MET D 221 14.80 7.73 16.04
CA MET D 221 14.61 8.00 17.48
C MET D 221 15.82 8.71 18.07
N MET D 222 17.00 8.36 17.54
CA MET D 222 18.28 8.92 18.01
C MET D 222 18.71 10.21 17.35
N SER D 223 17.81 10.87 16.61
CA SER D 223 18.20 12.10 15.89
C SER D 223 17.91 13.41 16.58
N ASP D 224 17.41 13.42 17.80
CA ASP D 224 17.07 14.72 18.38
C ASP D 224 18.28 15.57 18.84
N LYS D 225 18.28 16.87 18.50
CA LYS D 225 19.37 17.78 18.89
C LYS D 225 18.84 18.87 19.81
N VAL D 226 17.55 18.83 20.12
CA VAL D 226 16.93 19.84 20.94
C VAL D 226 16.88 19.48 22.42
N ILE D 227 16.46 18.27 22.75
CA ILE D 227 16.35 17.90 24.13
C ILE D 227 17.34 16.86 24.61
N GLU D 228 17.54 15.80 23.83
CA GLU D 228 18.48 14.80 24.27
C GLU D 228 19.90 15.30 24.61
N PRO D 229 20.46 16.26 23.85
CA PRO D 229 21.81 16.70 24.22
C PRO D 229 21.89 17.45 25.57
N VAL D 230 20.81 18.09 25.98
CA VAL D 230 20.76 18.81 27.25
C VAL D 230 20.51 17.78 28.35
N ARG D 231 19.40 17.07 28.23
CA ARG D 231 18.96 16.07 29.18
C ARG D 231 19.99 14.93 29.36
N GLY D 232 20.79 14.62 28.33
CA GLY D 232 21.74 13.55 28.45
C GLY D 232 22.95 13.87 29.34
N LYS D 233 23.18 15.16 29.61
CA LYS D 233 24.34 15.59 30.41
C LYS D 233 24.26 15.16 31.84
N LEU D 234 23.04 15.04 32.36
CA LEU D 234 22.90 14.64 33.75
C LEU D 234 22.90 13.16 33.94
N ILE D 235 23.09 12.38 32.87
CA ILE D 235 23.06 10.91 33.04
C ILE D 235 24.47 10.40 32.88
N PRO D 236 25.04 9.82 33.94
CA PRO D 236 26.42 9.34 33.86
C PRO D 236 26.69 8.35 32.77
N ASN D 237 27.70 8.66 31.95
CA ASN D 237 28.13 7.78 30.87
C ASN D 237 27.12 7.52 29.75
N TYR D 238 26.00 8.23 29.76
CA TYR D 238 25.00 7.99 28.72
C TYR D 238 25.55 8.14 27.31
N PHE D 239 26.16 9.28 27.02
CA PHE D 239 26.69 9.48 25.67
C PHE D 239 27.69 8.43 25.26
N LYS D 240 28.48 7.97 26.23
CA LYS D 240 29.50 6.97 26.01
C LYS D 240 28.89 5.60 25.76
N ILE D 241 27.84 5.23 26.50
CA ILE D 241 27.24 3.92 26.27
C ILE D 241 26.59 3.89 24.90
N LYS D 242 26.03 5.02 24.51
CA LYS D 242 25.34 5.13 23.24
C LYS D 242 26.31 4.81 22.09
N GLU D 243 27.47 5.43 22.12
CA GLU D 243 28.46 5.19 21.07
C GLU D 243 28.91 3.74 21.13
N GLU D 244 29.12 3.23 22.34
CA GLU D 244 29.57 1.85 22.55
C GLU D 244 28.63 0.74 22.03
N VAL D 245 27.31 0.89 22.18
CA VAL D 245 26.39 -0.15 21.68
C VAL D 245 25.86 0.17 20.29
N LYS D 246 26.34 1.28 19.75
CA LYS D 246 25.99 1.79 18.42
C LYS D 246 25.55 0.81 17.33
N ASP D 247 26.35 -0.21 17.03
CA ASP D 247 25.96 -1.15 15.98
C ASP D 247 25.26 -2.38 16.53
N LYS D 248 25.03 -2.40 17.83
CA LYS D 248 24.38 -3.58 18.39
C LYS D 248 22.92 -3.36 18.72
N VAL D 249 22.41 -2.16 18.50
CA VAL D 249 21.00 -1.86 18.80
C VAL D 249 20.30 -1.17 17.63
N TYR D 250 18.98 -1.23 17.57
CA TYR D 250 18.33 -0.50 16.50
C TYR D 250 18.37 0.99 16.91
N GLY D 251 18.31 1.22 18.22
CA GLY D 251 18.33 2.58 18.72
C GLY D 251 18.41 2.50 20.22
N ILE D 252 18.83 3.59 20.84
CA ILE D 252 18.90 3.67 22.29
C ILE D 252 18.73 5.14 22.58
N THR D 253 17.93 5.45 23.60
CA THR D 253 17.72 6.83 23.95
C THR D 253 17.33 6.96 25.41
N ILE D 254 17.09 8.19 25.85
CA ILE D 254 16.71 8.39 27.24
C ILE D 254 15.21 8.12 27.43
N SER D 255 14.85 7.49 28.54
CA SER D 255 13.43 7.22 28.84
C SER D 255 12.89 8.41 29.65
N GLY D 256 11.90 9.12 29.11
CA GLY D 256 11.34 10.24 29.84
C GLY D 256 12.40 11.26 30.19
N SER D 257 12.35 11.76 31.40
CA SER D 257 13.34 12.76 31.76
C SER D 257 14.61 12.12 32.31
N GLY D 258 14.69 10.79 32.24
CA GLY D 258 15.87 10.10 32.74
C GLY D 258 15.80 9.81 34.24
N PRO D 259 16.85 9.22 34.81
CA PRO D 259 18.09 8.82 34.15
C PRO D 259 18.02 7.44 33.50
N SER D 260 16.87 6.76 33.58
CA SER D 260 16.78 5.43 32.95
C SER D 260 16.96 5.55 31.45
N ILE D 261 17.50 4.49 30.86
CA ILE D 261 17.80 4.44 29.45
C ILE D 261 17.05 3.31 28.76
N ILE D 262 16.46 3.58 27.61
CA ILE D 262 15.76 2.51 26.91
C ILE D 262 16.47 2.19 25.59
N ALA D 263 16.77 0.91 25.39
CA ALA D 263 17.42 0.42 24.18
C ALA D 263 16.56 -0.65 23.48
N PHE D 264 16.71 -0.73 22.17
CA PHE D 264 16.04 -1.72 21.34
C PHE D 264 17.19 -2.56 20.75
N PRO D 265 17.61 -3.61 21.46
CA PRO D 265 18.72 -4.44 20.97
C PRO D 265 18.43 -5.28 19.74
N LYS D 266 19.44 -5.43 18.89
CA LYS D 266 19.30 -6.28 17.72
C LYS D 266 19.29 -7.71 18.29
N GLU D 267 18.41 -8.56 17.79
CA GLU D 267 18.29 -9.92 18.29
C GLU D 267 19.58 -10.68 18.57
N GLU D 268 20.56 -10.45 17.72
CA GLU D 268 21.86 -11.13 17.81
C GLU D 268 22.74 -10.65 18.95
N PHE D 269 22.56 -9.40 19.39
CA PHE D 269 23.40 -8.85 20.44
C PHE D 269 22.70 -8.57 21.76
N ILE D 270 21.48 -9.05 21.93
CA ILE D 270 20.75 -8.75 23.15
C ILE D 270 21.52 -9.06 24.44
N ASP D 271 21.93 -10.31 24.66
CA ASP D 271 22.67 -10.64 25.89
C ASP D 271 23.88 -9.71 26.04
N GLU D 272 24.62 -9.46 24.95
CA GLU D 272 25.78 -8.58 25.05
C GLU D 272 25.41 -7.15 25.45
N VAL D 273 24.40 -6.60 24.78
CA VAL D 273 23.95 -5.24 25.09
C VAL D 273 23.50 -5.19 26.53
N GLU D 274 22.76 -6.18 26.97
CA GLU D 274 22.31 -6.16 28.35
C GLU D 274 23.52 -6.17 29.32
N ASN D 275 24.57 -6.91 28.98
CA ASN D 275 25.76 -6.98 29.82
C ASN D 275 26.43 -5.64 29.90
N ILE D 276 26.52 -4.95 28.78
CA ILE D 276 27.14 -3.65 28.73
C ILE D 276 26.36 -2.68 29.65
N LEU D 277 25.04 -2.66 29.50
CA LEU D 277 24.22 -1.79 30.34
C LEU D 277 24.43 -2.18 31.80
N ARG D 278 24.46 -3.48 32.07
CA ARG D 278 24.66 -3.94 33.44
C ARG D 278 26.02 -3.57 34.01
N ASP D 279 27.04 -3.56 33.17
CA ASP D 279 28.35 -3.21 33.68
C ASP D 279 28.34 -1.75 34.06
N TYR D 280 27.74 -0.89 33.23
CA TYR D 280 27.71 0.55 33.51
C TYR D 280 26.80 0.94 34.68
N TYR D 281 25.54 0.62 34.49
CA TYR D 281 24.50 0.86 35.48
C TYR D 281 24.42 -0.51 36.10
N GLU D 282 23.61 -0.76 37.08
CA GLU D 282 23.70 -2.15 37.53
C GLU D 282 22.41 -2.88 37.45
N ASN D 283 21.34 -2.13 37.27
CA ASN D 283 20.01 -2.65 37.19
C ASN D 283 19.54 -2.59 35.75
N THR D 284 19.16 -3.73 35.20
CA THR D 284 18.65 -3.74 33.85
C THR D 284 17.41 -4.60 33.87
N ILE D 285 16.52 -4.34 32.93
CA ILE D 285 15.31 -5.10 32.80
C ILE D 285 15.14 -5.47 31.33
N ARG D 286 14.90 -6.74 31.03
CA ARG D 286 14.67 -7.16 29.64
C ARG D 286 13.15 -7.26 29.50
N THR D 287 12.55 -6.50 28.59
CA THR D 287 11.09 -6.59 28.48
C THR D 287 10.65 -6.47 27.01
N GLU D 288 9.43 -6.02 26.78
CA GLU D 288 8.95 -5.86 25.41
C GLU D 288 7.81 -4.89 25.50
N VAL D 289 7.15 -4.61 24.37
CA VAL D 289 6.03 -3.68 24.40
C VAL D 289 4.84 -4.28 25.17
N GLY D 290 4.25 -3.50 26.08
CA GLY D 290 3.14 -4.00 26.86
C GLY D 290 1.78 -3.62 26.30
N LYS D 291 0.74 -4.24 26.85
CA LYS D 291 -0.64 -4.03 26.42
C LYS D 291 -1.45 -3.01 27.20
N GLY D 292 -0.87 -2.40 28.24
CA GLY D 292 -1.65 -1.43 28.96
C GLY D 292 -2.17 -1.98 30.26
N VAL D 293 -2.82 -1.14 31.05
CA VAL D 293 -3.33 -1.62 32.33
C VAL D 293 -4.31 -2.77 32.10
N GLU D 294 -4.28 -3.76 32.97
CA GLU D 294 -5.22 -4.87 32.82
C GLU D 294 -5.49 -5.52 34.17
N VAL D 295 -6.65 -6.16 34.29
CA VAL D 295 -7.04 -6.83 35.53
C VAL D 295 -6.14 -8.05 35.75
N VAL D 296 -5.67 -8.25 36.97
CA VAL D 296 -4.84 -9.40 37.23
C VAL D 296 -5.62 -10.57 37.85
#